data_9QFU
#
_entry.id   9QFU
#
_cell.length_a   78.552
_cell.length_b   78.552
_cell.length_c   165.688
_cell.angle_alpha   90.00
_cell.angle_beta   90.00
_cell.angle_gamma   120.00
#
_symmetry.space_group_name_H-M   'P 31'
#
loop_
_entity.id
_entity.type
_entity.pdbx_description
1 polymer 'Tryptase beta-2'
2 non-polymer ~{N}-[(1~{S},2~{S})-6-azanyl-1-[5-[[4-[2-(3,4-dichlorophenyl)ethoxy]phenyl]methyl]-1,2,4-oxadiazol-3-yl]-1-oxidanyl-hexan-2-yl]-4-fluoranyl-benzamide
3 non-polymer 'SULFATE ION'
4 non-polymer DI(HYDROXYETHYL)ETHER
5 non-polymer 1,2-ETHANEDIOL
6 non-polymer 'ACETATE ION'
7 non-polymer GLYCEROL
8 water water
#
_entity_poly.entity_id   1
_entity_poly.type   'polypeptide(L)'
_entity_poly.pdbx_seq_one_letter_code
;IVGGQEAPRSKWPWQVSLRVHGPYWMHFCGGSLIHPQWVLTAAHCVGPDVKDLAALRVQLREQHLYYQDQLLPVSRIIVH
PQFYTAQIGADIALLELEEPVKVSSHVHTVTLPPASETFPPGMPCWVTGWGDVDNDERLPPPFPLKQVKVPIMENHICDA
KYHLGAYTGDDVRIVRDDMLCAGNTRRDSCQGDSGGPLVCKVNGTWLQAGVVSWGEGCAQPNRPGIYTRVTYYLDWIHHY
VPK
;
_entity_poly.pdbx_strand_id   A,B,C,D
#
loop_
_chem_comp.id
_chem_comp.type
_chem_comp.name
_chem_comp.formula
A1I52 non-polymer ~{N}-[(1~{S},2~{S})-6-azanyl-1-[5-[[4-[2-(3,4-dichlorophenyl)ethoxy]phenyl]methyl]-1,2,4-oxadiazol-3-yl]-1-oxidanyl-hexan-2-yl]-4-fluoranyl-benzamide 'C30 H31 Cl2 F N4 O4'
ACT non-polymer 'ACETATE ION' 'C2 H3 O2 -1'
EDO non-polymer 1,2-ETHANEDIOL 'C2 H6 O2'
GOL non-polymer GLYCEROL 'C3 H8 O3'
PEG non-polymer DI(HYDROXYETHYL)ETHER 'C4 H10 O3'
SO4 non-polymer 'SULFATE ION' 'O4 S -2'
#
# COMPACT_ATOMS: atom_id res chain seq x y z
N ILE A 1 -7.83 -16.81 -12.56
CA ILE A 1 -7.45 -18.08 -13.23
C ILE A 1 -5.95 -18.05 -13.58
N VAL A 2 -5.21 -19.09 -13.19
CA VAL A 2 -3.77 -19.26 -13.55
C VAL A 2 -3.67 -20.19 -14.76
N GLY A 3 -2.88 -19.83 -15.77
CA GLY A 3 -2.81 -20.57 -17.05
C GLY A 3 -4.09 -20.37 -17.86
N GLY A 4 -4.33 -21.20 -18.87
CA GLY A 4 -5.60 -21.14 -19.65
C GLY A 4 -5.68 -19.90 -20.53
N GLN A 5 -6.89 -19.40 -20.79
CA GLN A 5 -7.12 -18.38 -21.84
C GLN A 5 -8.45 -17.67 -21.59
N GLU A 6 -8.67 -16.61 -22.33
CA GLU A 6 -9.96 -15.91 -22.39
C GLU A 6 -10.99 -16.92 -22.90
N ALA A 7 -12.17 -16.95 -22.30
CA ALA A 7 -13.26 -17.87 -22.69
C ALA A 7 -13.90 -17.37 -23.97
N PRO A 8 -14.24 -18.24 -24.94
CA PRO A 8 -15.18 -17.87 -26.00
C PRO A 8 -16.51 -17.38 -25.40
N ARG A 9 -17.15 -16.42 -26.07
CA ARG A 9 -18.45 -15.80 -25.68
C ARG A 9 -19.55 -16.86 -25.50
N SER A 10 -19.53 -17.93 -26.28
CA SER A 10 -20.53 -19.02 -26.27
C SER A 10 -20.32 -20.01 -25.11
N LYS A 11 -19.23 -19.93 -24.34
CA LYS A 11 -18.94 -20.91 -23.25
C LYS A 11 -19.32 -20.32 -21.89
N TRP A 12 -19.70 -21.20 -20.96
CA TRP A 12 -19.94 -20.91 -19.52
C TRP A 12 -21.10 -19.94 -19.34
N PRO A 13 -22.29 -20.23 -19.88
CA PRO A 13 -23.42 -19.29 -19.79
C PRO A 13 -24.01 -19.15 -18.38
N TRP A 14 -23.56 -20.00 -17.48
CA TRP A 14 -23.94 -20.00 -16.04
C TRP A 14 -23.01 -19.15 -15.17
N GLN A 15 -21.88 -18.67 -15.67
CA GLN A 15 -20.89 -17.95 -14.84
C GLN A 15 -21.55 -16.66 -14.35
N VAL A 16 -21.44 -16.36 -13.05
CA VAL A 16 -21.88 -15.05 -12.50
C VAL A 16 -20.74 -14.40 -11.69
N SER A 17 -20.84 -13.09 -11.56
CA SER A 17 -19.93 -12.22 -10.75
C SER A 17 -20.73 -11.70 -9.57
N LEU A 18 -20.19 -11.79 -8.36
CA LEU A 18 -20.78 -11.20 -7.15
C LEU A 18 -20.15 -9.84 -6.96
N ARG A 19 -20.96 -8.83 -6.64
CA ARG A 19 -20.49 -7.42 -6.53
C ARG A 19 -20.81 -6.87 -5.15
N VAL A 20 -19.85 -6.14 -4.57
CA VAL A 20 -20.00 -5.43 -3.26
C VAL A 20 -20.05 -3.93 -3.53
N HIS A 21 -20.94 -3.23 -2.82
CA HIS A 21 -21.11 -1.76 -2.93
C HIS A 21 -19.84 -1.05 -2.41
N GLY A 22 -19.32 -0.10 -3.14
CA GLY A 22 -18.21 0.76 -2.70
C GLY A 22 -18.13 1.94 -3.64
N PRO A 23 -16.93 2.47 -3.93
CA PRO A 23 -16.79 3.51 -4.95
C PRO A 23 -17.40 3.07 -6.28
N TYR A 24 -17.33 1.76 -6.55
CA TYR A 24 -18.08 1.08 -7.64
C TYR A 24 -18.52 -0.30 -7.15
N TRP A 25 -19.34 -0.96 -7.96
CA TRP A 25 -19.82 -2.34 -7.68
C TRP A 25 -18.71 -3.32 -8.05
N MET A 26 -17.84 -3.61 -7.11
CA MET A 26 -16.58 -4.37 -7.34
C MET A 26 -16.85 -5.90 -7.27
N HIS A 27 -16.31 -6.64 -8.22
CA HIS A 27 -16.20 -8.13 -8.22
C HIS A 27 -15.36 -8.59 -7.01
N PHE A 28 -15.90 -9.48 -6.18
CA PHE A 28 -15.16 -10.11 -5.06
C PHE A 28 -15.22 -11.64 -5.15
N CYS A 29 -16.20 -12.22 -5.82
CA CYS A 29 -16.32 -13.69 -5.97
C CYS A 29 -17.13 -14.03 -7.24
N GLY A 30 -16.97 -15.27 -7.68
CA GLY A 30 -17.81 -15.95 -8.66
C GLY A 30 -18.98 -16.68 -8.03
N GLY A 31 -19.79 -17.24 -8.91
CA GLY A 31 -20.99 -18.03 -8.64
C GLY A 31 -21.44 -18.70 -9.93
N SER A 32 -22.52 -19.48 -9.84
CA SER A 32 -23.12 -20.18 -10.99
C SER A 32 -24.64 -20.10 -10.88
N LEU A 33 -25.30 -19.89 -12.00
CA LEU A 33 -26.78 -19.90 -12.07
C LEU A 33 -27.24 -21.38 -12.14
N ILE A 34 -27.88 -21.86 -11.08
CA ILE A 34 -28.34 -23.28 -11.01
C ILE A 34 -29.87 -23.35 -11.20
N HIS A 35 -30.53 -22.20 -11.22
CA HIS A 35 -32.00 -22.07 -11.33
C HIS A 35 -32.24 -20.61 -11.70
N PRO A 36 -33.28 -20.27 -12.49
CA PRO A 36 -33.54 -18.87 -12.82
C PRO A 36 -33.59 -17.88 -11.66
N GLN A 37 -33.86 -18.35 -10.44
N GLN A 37 -33.85 -18.33 -10.43
CA GLN A 37 -33.95 -17.53 -9.21
CA GLN A 37 -33.86 -17.42 -9.25
C GLN A 37 -32.75 -17.76 -8.27
C GLN A 37 -32.75 -17.76 -8.26
N TRP A 38 -31.83 -18.67 -8.59
CA TRP A 38 -30.81 -19.13 -7.60
C TRP A 38 -29.40 -19.16 -8.15
N VAL A 39 -28.49 -18.60 -7.35
CA VAL A 39 -27.03 -18.62 -7.62
C VAL A 39 -26.35 -19.50 -6.55
N LEU A 40 -25.47 -20.38 -7.00
CA LEU A 40 -24.61 -21.24 -6.15
C LEU A 40 -23.23 -20.56 -6.03
N THR A 41 -22.73 -20.41 -4.80
CA THR A 41 -21.41 -19.81 -4.50
C THR A 41 -20.75 -20.51 -3.31
N ALA A 42 -19.61 -19.99 -2.86
CA ALA A 42 -18.90 -20.44 -1.63
C ALA A 42 -19.47 -19.63 -0.46
N ALA A 43 -19.67 -20.29 0.67
CA ALA A 43 -20.06 -19.63 1.93
C ALA A 43 -19.03 -18.57 2.35
N HIS A 44 -17.74 -18.79 2.15
CA HIS A 44 -16.68 -17.86 2.63
C HIS A 44 -16.76 -16.53 1.85
N CYS A 45 -17.44 -16.50 0.70
CA CYS A 45 -17.67 -15.22 -0.06
C CYS A 45 -18.67 -14.34 0.68
N VAL A 46 -19.61 -14.93 1.43
CA VAL A 46 -20.77 -14.18 1.99
C VAL A 46 -20.93 -14.40 3.50
N GLY A 47 -20.02 -15.13 4.14
CA GLY A 47 -20.14 -15.49 5.56
C GLY A 47 -18.78 -15.81 6.16
N PRO A 48 -18.69 -16.23 7.44
CA PRO A 48 -19.86 -16.63 8.21
C PRO A 48 -20.70 -15.50 8.81
N ASP A 49 -20.21 -14.27 8.81
CA ASP A 49 -20.90 -13.13 9.48
C ASP A 49 -22.02 -12.62 8.58
N VAL A 50 -23.13 -12.22 9.18
CA VAL A 50 -24.34 -11.77 8.43
C VAL A 50 -24.04 -10.39 7.85
N LYS A 51 -24.28 -10.20 6.56
CA LYS A 51 -24.06 -8.89 5.88
C LYS A 51 -25.39 -8.24 5.45
N ASP A 52 -25.34 -6.94 5.16
CA ASP A 52 -26.49 -6.17 4.59
C ASP A 52 -26.71 -6.63 3.14
N LEU A 53 -27.83 -7.27 2.83
CA LEU A 53 -28.17 -7.70 1.44
C LEU A 53 -28.11 -6.53 0.44
N ALA A 54 -28.42 -5.30 0.88
CA ALA A 54 -28.46 -4.10 0.00
C ALA A 54 -27.08 -3.82 -0.59
N ALA A 55 -26.01 -4.24 0.09
CA ALA A 55 -24.61 -4.06 -0.31
C ALA A 55 -24.15 -5.11 -1.32
N LEU A 56 -25.02 -6.05 -1.72
CA LEU A 56 -24.67 -7.14 -2.66
C LEU A 56 -25.52 -7.04 -3.92
N ARG A 57 -24.91 -7.25 -5.07
CA ARG A 57 -25.62 -7.54 -6.32
C ARG A 57 -24.96 -8.69 -7.07
N VAL A 58 -25.70 -9.20 -8.06
CA VAL A 58 -25.28 -10.29 -8.96
C VAL A 58 -25.21 -9.71 -10.38
N GLN A 59 -24.18 -10.09 -11.11
CA GLN A 59 -24.04 -9.79 -12.57
C GLN A 59 -24.01 -11.13 -13.28
N LEU A 60 -24.88 -11.34 -14.27
CA LEU A 60 -24.88 -12.58 -15.07
C LEU A 60 -23.73 -12.53 -16.07
N ARG A 61 -23.57 -13.57 -16.88
CA ARG A 61 -22.40 -13.77 -17.77
C ARG A 61 -22.04 -12.47 -18.50
N GLU A 62 -20.81 -12.00 -18.34
CA GLU A 62 -20.19 -10.86 -19.06
C GLU A 62 -18.88 -11.35 -19.65
N GLN A 63 -18.56 -11.03 -20.91
CA GLN A 63 -17.22 -11.35 -21.48
C GLN A 63 -16.15 -10.51 -20.78
N HIS A 64 -16.44 -9.24 -20.49
CA HIS A 64 -15.52 -8.28 -19.82
C HIS A 64 -16.23 -7.66 -18.63
N LEU A 65 -15.67 -7.82 -17.42
CA LEU A 65 -16.27 -7.23 -16.19
C LEU A 65 -16.48 -5.72 -16.35
N TYR A 66 -17.61 -5.21 -15.88
CA TYR A 66 -17.89 -3.77 -15.65
C TYR A 66 -18.41 -3.06 -16.90
N TYR A 67 -18.10 -3.54 -18.10
N TYR A 67 -18.09 -3.55 -18.10
CA TYR A 67 -18.35 -2.79 -19.36
CA TYR A 67 -18.36 -2.88 -19.41
C TYR A 67 -19.86 -2.70 -19.66
C TYR A 67 -19.87 -2.70 -19.63
N GLN A 68 -20.65 -3.75 -19.38
CA GLN A 68 -22.10 -3.77 -19.71
C GLN A 68 -22.90 -4.21 -18.50
N ASP A 69 -22.63 -3.69 -17.32
CA ASP A 69 -23.28 -4.19 -16.08
C ASP A 69 -24.80 -3.99 -16.17
N GLN A 70 -25.56 -5.01 -15.80
CA GLN A 70 -26.98 -4.90 -15.41
C GLN A 70 -27.14 -5.68 -14.12
N LEU A 71 -27.00 -5.00 -12.99
CA LEU A 71 -26.83 -5.65 -11.67
C LEU A 71 -28.20 -6.11 -11.17
N LEU A 72 -28.28 -7.29 -10.53
CA LEU A 72 -29.54 -7.84 -9.97
C LEU A 72 -29.46 -7.86 -8.44
N PRO A 73 -30.49 -7.33 -7.74
CA PRO A 73 -30.53 -7.42 -6.29
C PRO A 73 -30.89 -8.84 -5.84
N VAL A 74 -30.52 -9.15 -4.58
CA VAL A 74 -30.66 -10.47 -3.92
C VAL A 74 -31.71 -10.33 -2.83
N SER A 75 -32.64 -11.28 -2.69
CA SER A 75 -33.65 -11.29 -1.58
C SER A 75 -33.16 -12.06 -0.36
N ARG A 76 -32.32 -13.07 -0.56
CA ARG A 76 -31.93 -13.99 0.55
C ARG A 76 -30.50 -14.49 0.32
N ILE A 77 -29.72 -14.56 1.38
CA ILE A 77 -28.41 -15.28 1.40
C ILE A 77 -28.59 -16.49 2.31
N ILE A 78 -28.43 -17.69 1.78
CA ILE A 78 -28.53 -18.95 2.58
C ILE A 78 -27.13 -19.59 2.62
N VAL A 79 -26.60 -19.69 3.81
CA VAL A 79 -25.22 -20.19 4.03
C VAL A 79 -25.35 -21.50 4.78
N HIS A 80 -24.63 -22.52 4.33
CA HIS A 80 -24.67 -23.84 5.01
C HIS A 80 -24.43 -23.62 6.49
N PRO A 81 -25.31 -24.11 7.39
CA PRO A 81 -25.12 -23.86 8.82
C PRO A 81 -23.90 -24.58 9.46
N GLN A 82 -23.26 -25.51 8.78
CA GLN A 82 -22.00 -26.13 9.28
C GLN A 82 -20.78 -25.29 8.91
N PHE A 83 -20.94 -24.21 8.12
CA PHE A 83 -19.79 -23.41 7.65
C PHE A 83 -19.28 -22.46 8.72
N TYR A 84 -17.95 -22.45 8.93
CA TYR A 84 -17.24 -21.40 9.68
C TYR A 84 -15.97 -21.00 8.93
N THR A 85 -15.15 -21.94 8.46
CA THR A 85 -13.97 -21.66 7.60
C THR A 85 -13.90 -22.66 6.44
N ALA A 86 -13.25 -22.30 5.34
CA ALA A 86 -13.12 -23.13 4.12
C ALA A 86 -12.37 -24.41 4.46
N GLN A 87 -11.32 -24.33 5.30
CA GLN A 87 -10.50 -25.53 5.63
C GLN A 87 -11.26 -26.51 6.52
N ILE A 88 -12.21 -26.04 7.30
CA ILE A 88 -13.09 -26.96 8.10
C ILE A 88 -14.11 -27.62 7.16
N GLY A 89 -14.70 -26.85 6.23
CA GLY A 89 -15.56 -27.36 5.15
C GLY A 89 -16.95 -26.75 5.14
N ALA A 90 -17.88 -27.38 4.42
CA ALA A 90 -19.25 -26.89 4.19
C ALA A 90 -19.16 -25.49 3.54
N ASP A 91 -18.22 -25.31 2.62
CA ASP A 91 -17.95 -24.02 1.97
C ASP A 91 -18.93 -23.85 0.78
N ILE A 92 -20.20 -23.61 1.07
CA ILE A 92 -21.29 -23.60 0.07
C ILE A 92 -22.40 -22.69 0.54
N ALA A 93 -22.94 -21.89 -0.39
CA ALA A 93 -24.06 -20.94 -0.13
C ALA A 93 -24.93 -20.76 -1.38
N LEU A 94 -26.10 -20.22 -1.17
CA LEU A 94 -27.14 -19.94 -2.18
C LEU A 94 -27.54 -18.48 -2.07
N LEU A 95 -27.64 -17.82 -3.24
CA LEU A 95 -28.25 -16.47 -3.33
C LEU A 95 -29.58 -16.61 -4.05
N GLU A 96 -30.66 -16.16 -3.42
CA GLU A 96 -32.00 -16.04 -4.06
C GLU A 96 -32.14 -14.64 -4.66
N LEU A 97 -32.39 -14.56 -5.96
CA LEU A 97 -32.61 -13.27 -6.65
C LEU A 97 -34.02 -12.79 -6.31
N GLU A 98 -34.28 -11.49 -6.39
CA GLU A 98 -35.61 -10.86 -6.14
C GLU A 98 -36.58 -11.23 -7.26
N GLU A 99 -36.06 -11.58 -8.44
CA GLU A 99 -36.86 -11.94 -9.63
C GLU A 99 -36.17 -13.06 -10.38
N PRO A 100 -36.94 -13.94 -11.02
CA PRO A 100 -36.38 -14.98 -11.87
C PRO A 100 -35.76 -14.29 -13.08
N VAL A 101 -34.64 -14.80 -13.57
CA VAL A 101 -34.00 -14.27 -14.81
C VAL A 101 -34.67 -14.97 -15.98
N LYS A 102 -34.61 -14.32 -17.13
CA LYS A 102 -34.96 -14.87 -18.45
C LYS A 102 -33.73 -15.60 -19.01
N VAL A 103 -33.88 -16.86 -19.33
CA VAL A 103 -32.74 -17.68 -19.82
C VAL A 103 -32.75 -17.67 -21.34
N SER A 104 -31.58 -17.95 -21.89
CA SER A 104 -31.28 -17.87 -23.34
C SER A 104 -30.07 -18.78 -23.62
N SER A 105 -29.62 -18.90 -24.86
CA SER A 105 -28.42 -19.72 -25.17
C SER A 105 -27.15 -19.05 -24.57
N HIS A 106 -27.14 -17.73 -24.42
CA HIS A 106 -26.00 -16.95 -23.89
C HIS A 106 -25.98 -16.95 -22.35
N VAL A 107 -27.14 -17.01 -21.69
CA VAL A 107 -27.28 -16.96 -20.20
C VAL A 107 -28.27 -18.04 -19.77
N HIS A 108 -27.81 -19.10 -19.13
CA HIS A 108 -28.70 -20.19 -18.65
C HIS A 108 -27.98 -21.04 -17.58
N THR A 109 -28.72 -21.97 -16.98
CA THR A 109 -28.36 -22.65 -15.74
C THR A 109 -27.37 -23.77 -16.05
N VAL A 110 -26.59 -24.14 -15.04
CA VAL A 110 -25.68 -25.33 -15.10
C VAL A 110 -26.46 -26.47 -14.43
N THR A 111 -26.23 -27.68 -14.91
CA THR A 111 -26.82 -28.94 -14.35
C THR A 111 -25.98 -29.40 -13.15
N LEU A 112 -26.64 -29.70 -12.05
CA LEU A 112 -26.02 -30.33 -10.86
C LEU A 112 -25.81 -31.81 -11.13
N PRO A 113 -24.74 -32.40 -10.62
CA PRO A 113 -24.46 -33.82 -10.84
C PRO A 113 -25.42 -34.69 -10.03
N PRO A 114 -25.67 -35.94 -10.47
CA PRO A 114 -26.36 -36.92 -9.64
C PRO A 114 -25.45 -37.32 -8.48
N ALA A 115 -26.04 -37.73 -7.37
CA ALA A 115 -25.37 -38.08 -6.09
C ALA A 115 -24.23 -39.09 -6.31
N SER A 116 -24.36 -40.00 -7.26
CA SER A 116 -23.38 -41.11 -7.47
C SER A 116 -22.10 -40.64 -8.19
N GLU A 117 -22.08 -39.46 -8.83
CA GLU A 117 -20.91 -39.08 -9.67
C GLU A 117 -19.73 -38.71 -8.76
N THR A 118 -18.57 -39.38 -8.91
CA THR A 118 -17.38 -39.20 -8.04
C THR A 118 -16.34 -38.24 -8.66
N PHE A 119 -16.43 -38.01 -9.97
CA PHE A 119 -15.49 -37.21 -10.79
C PHE A 119 -14.06 -37.72 -10.63
N PRO A 120 -13.74 -38.93 -11.15
CA PRO A 120 -12.40 -39.49 -10.97
C PRO A 120 -11.36 -38.80 -11.84
N PRO A 121 -10.06 -38.98 -11.54
CA PRO A 121 -8.98 -38.48 -12.39
C PRO A 121 -9.16 -38.88 -13.86
N GLY A 122 -8.75 -37.98 -14.77
CA GLY A 122 -8.86 -38.13 -16.23
C GLY A 122 -10.20 -37.65 -16.75
N MET A 123 -11.14 -37.27 -15.90
CA MET A 123 -12.33 -36.49 -16.31
C MET A 123 -11.84 -35.17 -16.90
N PRO A 124 -12.35 -34.71 -18.07
CA PRO A 124 -12.08 -33.35 -18.56
C PRO A 124 -12.90 -32.33 -17.75
N CYS A 125 -12.23 -31.44 -16.99
CA CYS A 125 -12.87 -30.41 -16.15
C CYS A 125 -12.22 -29.05 -16.38
N TRP A 126 -13.06 -28.02 -16.28
CA TRP A 126 -12.67 -26.60 -16.50
CA TRP A 126 -12.66 -26.60 -16.49
C TRP A 126 -13.11 -25.76 -15.29
N VAL A 127 -12.32 -24.75 -14.93
CA VAL A 127 -12.72 -23.76 -13.91
C VAL A 127 -12.61 -22.40 -14.57
N THR A 128 -13.52 -21.49 -14.22
CA THR A 128 -13.72 -20.20 -14.90
C THR A 128 -13.81 -19.09 -13.86
N GLY A 129 -13.36 -17.89 -14.23
CA GLY A 129 -13.59 -16.69 -13.40
C GLY A 129 -12.72 -15.54 -13.81
N TRP A 130 -12.87 -14.45 -13.06
CA TRP A 130 -12.22 -13.14 -13.28
C TRP A 130 -11.18 -12.88 -12.18
N GLY A 131 -10.61 -13.96 -11.60
CA GLY A 131 -9.67 -13.81 -10.49
C GLY A 131 -8.26 -13.56 -10.98
N ASP A 132 -7.36 -13.47 -10.02
CA ASP A 132 -5.91 -13.25 -10.23
C ASP A 132 -5.35 -14.27 -11.21
N VAL A 133 -4.41 -13.83 -12.04
CA VAL A 133 -3.74 -14.66 -13.07
C VAL A 133 -2.46 -15.28 -12.52
N ASP A 134 -2.12 -14.99 -11.25
CA ASP A 134 -1.02 -15.65 -10.49
C ASP A 134 -1.08 -15.10 -9.06
N ASN A 135 -0.28 -15.63 -8.14
CA ASN A 135 -0.22 -15.12 -6.74
C ASN A 135 0.03 -13.59 -6.76
N ASP A 136 -0.88 -12.82 -6.16
CA ASP A 136 -0.77 -11.34 -6.00
CA ASP A 136 -0.78 -11.34 -6.00
C ASP A 136 -0.64 -10.65 -7.36
N GLU A 137 -1.19 -11.22 -8.45
CA GLU A 137 -1.21 -10.57 -9.78
C GLU A 137 -2.67 -10.48 -10.24
N ARG A 138 -3.19 -9.26 -10.28
CA ARG A 138 -4.58 -8.95 -10.71
C ARG A 138 -4.79 -9.35 -12.17
N LEU A 139 -6.01 -9.78 -12.51
CA LEU A 139 -6.47 -9.80 -13.91
C LEU A 139 -6.40 -8.36 -14.40
N PRO A 140 -5.65 -8.04 -15.47
CA PRO A 140 -5.64 -6.68 -16.01
C PRO A 140 -6.92 -6.27 -16.74
N PRO A 141 -7.23 -4.96 -16.84
CA PRO A 141 -8.28 -4.50 -17.74
C PRO A 141 -7.95 -4.99 -19.14
N PRO A 142 -8.94 -5.31 -20.01
CA PRO A 142 -10.36 -5.16 -19.72
C PRO A 142 -11.11 -6.31 -19.01
N PHE A 143 -10.41 -7.15 -18.24
CA PHE A 143 -11.02 -8.13 -17.29
C PHE A 143 -11.85 -9.18 -18.05
N PRO A 144 -11.22 -9.94 -18.98
CA PRO A 144 -11.91 -10.98 -19.73
C PRO A 144 -12.16 -12.17 -18.80
N LEU A 145 -13.33 -12.78 -18.92
CA LEU A 145 -13.61 -14.09 -18.29
C LEU A 145 -12.57 -15.09 -18.79
N LYS A 146 -11.83 -15.73 -17.86
CA LYS A 146 -10.84 -16.78 -18.19
C LYS A 146 -11.42 -18.18 -17.87
N GLN A 147 -10.83 -19.17 -18.51
CA GLN A 147 -11.11 -20.61 -18.36
C GLN A 147 -9.75 -21.31 -18.26
N VAL A 148 -9.64 -22.41 -17.55
CA VAL A 148 -8.43 -23.28 -17.64
C VAL A 148 -8.90 -24.72 -17.37
N LYS A 149 -8.38 -25.65 -18.16
CA LYS A 149 -8.62 -27.10 -17.98
C LYS A 149 -7.73 -27.58 -16.83
N VAL A 150 -8.33 -28.16 -15.79
CA VAL A 150 -7.56 -28.61 -14.59
C VAL A 150 -7.73 -30.10 -14.47
N PRO A 151 -6.60 -30.84 -14.25
CA PRO A 151 -6.68 -32.27 -14.00
C PRO A 151 -7.22 -32.51 -12.56
N ILE A 152 -8.23 -33.36 -12.45
CA ILE A 152 -8.73 -33.87 -11.14
C ILE A 152 -7.67 -34.82 -10.55
N MET A 153 -7.44 -34.75 -9.24
N MET A 153 -7.45 -34.76 -9.24
CA MET A 153 -6.67 -35.79 -8.49
CA MET A 153 -6.68 -35.78 -8.50
C MET A 153 -7.57 -36.33 -7.37
C MET A 153 -7.57 -36.33 -7.37
N GLU A 154 -7.44 -37.62 -7.05
CA GLU A 154 -8.13 -38.29 -5.93
C GLU A 154 -7.83 -37.54 -4.61
N ASN A 155 -8.81 -37.49 -3.72
CA ASN A 155 -8.70 -36.79 -2.42
C ASN A 155 -7.48 -37.33 -1.65
N HIS A 156 -7.23 -38.64 -1.65
CA HIS A 156 -6.17 -39.23 -0.78
C HIS A 156 -4.79 -38.74 -1.29
N ILE A 157 -4.62 -38.64 -2.59
CA ILE A 157 -3.37 -38.18 -3.23
C ILE A 157 -3.14 -36.71 -2.87
N CYS A 158 -4.18 -35.90 -2.99
N CYS A 158 -4.17 -35.88 -2.99
CA CYS A 158 -4.16 -34.46 -2.70
CA CYS A 158 -4.06 -34.44 -2.70
C CYS A 158 -3.86 -34.25 -1.22
C CYS A 158 -3.84 -34.23 -1.20
N ASP A 159 -4.50 -35.03 -0.34
CA ASP A 159 -4.28 -35.02 1.13
C ASP A 159 -2.80 -35.29 1.42
N ALA A 160 -2.24 -36.31 0.77
CA ALA A 160 -0.81 -36.64 0.96
C ALA A 160 0.04 -35.45 0.49
N LYS A 161 -0.28 -34.82 -0.65
CA LYS A 161 0.55 -33.67 -1.11
C LYS A 161 0.53 -32.52 -0.08
N TYR A 162 -0.64 -32.22 0.49
CA TYR A 162 -0.79 -31.10 1.43
C TYR A 162 0.09 -31.36 2.67
N HIS A 163 0.43 -32.62 2.97
CA HIS A 163 1.27 -33.02 4.13
C HIS A 163 2.77 -32.88 3.84
N LEU A 164 3.19 -32.89 2.58
CA LEU A 164 4.62 -32.70 2.22
C LEU A 164 5.04 -31.26 2.56
N GLY A 165 6.18 -31.07 3.24
CA GLY A 165 6.65 -29.73 3.68
C GLY A 165 5.78 -29.17 4.78
N ALA A 166 5.07 -30.03 5.52
CA ALA A 166 4.21 -29.58 6.63
C ALA A 166 4.54 -30.34 7.92
N TYR A 167 4.28 -29.70 9.05
CA TYR A 167 4.41 -30.33 10.40
C TYR A 167 3.18 -31.22 10.68
N THR A 168 2.08 -31.01 9.97
CA THR A 168 0.78 -31.68 10.30
C THR A 168 1.01 -33.18 10.20
N GLY A 169 0.55 -33.94 11.19
CA GLY A 169 0.68 -35.41 11.18
C GLY A 169 -0.04 -36.02 9.99
N ASP A 170 0.56 -37.06 9.41
CA ASP A 170 0.08 -37.76 8.19
C ASP A 170 -1.34 -38.32 8.34
N ASP A 171 -1.73 -38.65 9.57
N ASP A 171 -1.78 -38.66 9.55
CA ASP A 171 -3.03 -39.24 10.00
CA ASP A 171 -3.13 -39.23 9.82
C ASP A 171 -4.07 -38.13 10.23
C ASP A 171 -4.07 -38.13 10.31
N VAL A 172 -3.69 -36.86 10.19
CA VAL A 172 -4.60 -35.72 10.45
C VAL A 172 -5.04 -35.18 9.08
N ARG A 173 -6.30 -35.41 8.71
CA ARG A 173 -6.76 -35.21 7.32
C ARG A 173 -6.87 -33.69 7.08
N ILE A 174 -6.30 -33.23 5.98
CA ILE A 174 -6.33 -31.82 5.57
C ILE A 174 -7.43 -31.65 4.50
N VAL A 175 -7.35 -32.46 3.44
CA VAL A 175 -8.34 -32.48 2.34
C VAL A 175 -9.50 -33.39 2.77
N ARG A 176 -10.65 -32.80 3.06
CA ARG A 176 -11.78 -33.49 3.72
C ARG A 176 -12.69 -34.09 2.66
N ASP A 177 -13.62 -34.94 3.09
CA ASP A 177 -14.41 -35.82 2.18
C ASP A 177 -15.48 -34.99 1.44
N ASP A 178 -15.87 -33.84 1.97
CA ASP A 178 -16.79 -32.89 1.29
C ASP A 178 -16.02 -31.96 0.34
N MET A 179 -14.75 -32.26 0.03
CA MET A 179 -13.90 -31.42 -0.83
C MET A 179 -13.42 -32.27 -2.00
N LEU A 180 -12.95 -31.57 -3.02
CA LEU A 180 -12.52 -32.13 -4.32
C LEU A 180 -11.29 -31.33 -4.70
N CYS A 181 -10.31 -31.99 -5.31
N CYS A 181 -10.34 -31.99 -5.33
CA CYS A 181 -8.99 -31.42 -5.65
CA CYS A 181 -9.01 -31.44 -5.66
C CYS A 181 -8.78 -31.42 -7.17
C CYS A 181 -8.79 -31.42 -7.17
N ALA A 182 -8.28 -30.30 -7.71
CA ALA A 182 -7.85 -30.19 -9.12
C ALA A 182 -6.78 -29.12 -9.28
N GLY A 183 -5.93 -29.30 -10.28
CA GLY A 183 -4.97 -28.29 -10.72
C GLY A 183 -3.57 -28.77 -10.51
N ASN A 184 -2.61 -28.03 -11.06
CA ASN A 184 -1.15 -28.32 -10.94
C ASN A 184 -0.43 -26.97 -10.90
N THR A 185 0.87 -26.95 -11.13
CA THR A 185 1.73 -25.75 -11.02
C THR A 185 1.59 -24.90 -12.29
N ARG A 186 0.76 -25.25 -13.27
CA ARG A 186 0.52 -24.38 -14.45
C ARG A 186 -0.96 -23.97 -14.59
N ARG A 187 -1.87 -24.65 -13.90
CA ARG A 187 -3.34 -24.56 -14.14
C ARG A 187 -4.06 -24.56 -12.78
N ASP A 188 -4.69 -23.46 -12.40
CA ASP A 188 -5.36 -23.38 -11.08
C ASP A 188 -6.35 -22.21 -11.13
N SER A 189 -7.22 -22.16 -10.13
CA SER A 189 -8.02 -20.97 -9.79
C SER A 189 -7.21 -20.16 -8.78
N CYS A 190 -7.57 -18.89 -8.62
CA CYS A 190 -6.81 -17.99 -7.73
C CYS A 190 -7.78 -16.99 -7.09
N GLN A 191 -7.24 -16.03 -6.31
CA GLN A 191 -8.05 -15.07 -5.51
C GLN A 191 -8.97 -14.34 -6.48
N GLY A 192 -10.26 -14.24 -6.18
CA GLY A 192 -11.30 -13.66 -7.08
C GLY A 192 -12.05 -14.73 -7.87
N ASP A 193 -11.57 -15.98 -7.94
CA ASP A 193 -12.30 -17.11 -8.58
C ASP A 193 -13.20 -17.82 -7.58
N SER A 194 -13.04 -17.57 -6.29
CA SER A 194 -13.83 -18.13 -5.17
C SER A 194 -15.29 -18.11 -5.51
N GLY A 195 -15.97 -19.22 -5.23
CA GLY A 195 -17.43 -19.31 -5.38
C GLY A 195 -17.84 -19.70 -6.80
N GLY A 196 -16.93 -19.57 -7.78
CA GLY A 196 -17.18 -19.92 -9.18
C GLY A 196 -17.20 -21.43 -9.38
N PRO A 197 -17.60 -21.88 -10.58
CA PRO A 197 -17.79 -23.30 -10.84
C PRO A 197 -16.56 -24.04 -11.37
N LEU A 198 -16.41 -25.28 -10.91
CA LEU A 198 -15.61 -26.33 -11.60
C LEU A 198 -16.62 -27.25 -12.30
N VAL A 199 -16.53 -27.37 -13.62
CA VAL A 199 -17.52 -28.09 -14.46
C VAL A 199 -16.81 -29.19 -15.24
N CYS A 200 -17.43 -30.37 -15.33
CA CYS A 200 -16.89 -31.53 -16.08
C CYS A 200 -17.97 -32.03 -17.03
N LYS A 201 -17.56 -32.32 -18.26
CA LYS A 201 -18.47 -32.80 -19.32
C LYS A 201 -18.62 -34.31 -19.18
N VAL A 202 -19.80 -34.78 -18.80
CA VAL A 202 -20.08 -36.22 -18.55
C VAL A 202 -21.24 -36.65 -19.47
N ASN A 203 -21.01 -37.62 -20.36
CA ASN A 203 -22.01 -38.17 -21.32
C ASN A 203 -22.73 -37.01 -22.02
N GLY A 204 -21.93 -36.07 -22.57
CA GLY A 204 -22.35 -34.89 -23.35
C GLY A 204 -23.04 -33.79 -22.54
N THR A 205 -23.11 -33.89 -21.20
CA THR A 205 -23.72 -32.82 -20.37
C THR A 205 -22.65 -32.18 -19.48
N TRP A 206 -22.70 -30.86 -19.34
CA TRP A 206 -21.82 -30.14 -18.39
C TRP A 206 -22.42 -30.27 -16.99
N LEU A 207 -21.66 -30.83 -16.05
CA LEU A 207 -22.10 -30.98 -14.63
C LEU A 207 -21.21 -30.12 -13.72
N GLN A 208 -21.79 -29.44 -12.75
CA GLN A 208 -20.94 -28.72 -11.75
C GLN A 208 -20.46 -29.70 -10.68
N ALA A 209 -19.20 -30.09 -10.75
CA ALA A 209 -18.51 -30.94 -9.77
C ALA A 209 -18.11 -30.17 -8.49
N GLY A 210 -17.70 -28.90 -8.62
CA GLY A 210 -17.04 -28.16 -7.54
C GLY A 210 -17.46 -26.69 -7.45
N VAL A 211 -17.25 -26.10 -6.28
CA VAL A 211 -17.23 -24.65 -6.04
C VAL A 211 -15.80 -24.26 -5.62
N VAL A 212 -15.18 -23.28 -6.28
CA VAL A 212 -13.83 -22.76 -5.92
C VAL A 212 -13.83 -22.37 -4.45
N SER A 213 -13.00 -23.01 -3.64
CA SER A 213 -13.03 -22.86 -2.17
C SER A 213 -11.70 -22.28 -1.69
N TRP A 214 -10.62 -23.06 -1.75
CA TRP A 214 -9.36 -22.64 -1.08
C TRP A 214 -8.16 -23.39 -1.66
N GLY A 215 -6.98 -22.98 -1.18
CA GLY A 215 -5.70 -23.61 -1.49
C GLY A 215 -4.63 -22.87 -0.71
N GLU A 216 -3.40 -23.40 -0.74
N GLU A 216 -3.40 -23.40 -0.71
CA GLU A 216 -2.21 -22.67 -0.23
CA GLU A 216 -2.21 -22.66 -0.24
C GLU A 216 -1.61 -21.97 -1.45
C GLU A 216 -1.62 -21.96 -1.46
N GLY A 217 -1.89 -20.66 -1.58
CA GLY A 217 -1.59 -19.89 -2.79
C GLY A 217 -2.31 -20.48 -3.99
N CYS A 218 -1.75 -20.26 -5.16
CA CYS A 218 -2.30 -20.68 -6.47
C CYS A 218 -1.15 -21.29 -7.27
N ALA A 219 -1.38 -22.46 -7.87
CA ALA A 219 -0.45 -23.18 -8.73
C ALA A 219 0.90 -23.41 -8.02
N GLN A 220 0.92 -23.61 -6.69
CA GLN A 220 2.13 -23.87 -5.88
C GLN A 220 2.46 -25.37 -5.87
N PRO A 221 3.77 -25.76 -5.84
CA PRO A 221 4.18 -27.16 -5.78
C PRO A 221 3.52 -27.90 -4.60
N ASN A 222 2.94 -29.09 -4.88
CA ASN A 222 2.30 -29.98 -3.87
C ASN A 222 1.10 -29.30 -3.18
N ARG A 223 0.45 -28.34 -3.85
CA ARG A 223 -0.68 -27.59 -3.25
C ARG A 223 -1.76 -27.39 -4.31
N PRO A 224 -2.41 -28.47 -4.77
CA PRO A 224 -3.49 -28.32 -5.74
C PRO A 224 -4.66 -27.51 -5.19
N GLY A 225 -5.49 -26.98 -6.10
CA GLY A 225 -6.71 -26.23 -5.73
C GLY A 225 -7.71 -27.13 -5.05
N ILE A 226 -8.40 -26.63 -4.05
CA ILE A 226 -9.47 -27.36 -3.31
C ILE A 226 -10.83 -26.69 -3.61
N TYR A 227 -11.84 -27.52 -3.79
CA TYR A 227 -13.21 -27.17 -4.21
C TYR A 227 -14.20 -27.81 -3.24
N THR A 228 -15.31 -27.14 -2.95
CA THR A 228 -16.46 -27.80 -2.29
C THR A 228 -17.02 -28.85 -3.25
N ARG A 229 -17.17 -30.08 -2.79
CA ARG A 229 -17.69 -31.22 -3.59
C ARG A 229 -19.23 -31.09 -3.65
N VAL A 230 -19.77 -30.74 -4.81
CA VAL A 230 -21.23 -30.39 -4.93
C VAL A 230 -22.08 -31.63 -4.56
N THR A 231 -21.68 -32.83 -4.95
CA THR A 231 -22.49 -34.05 -4.67
C THR A 231 -22.76 -34.16 -3.20
N TYR A 232 -21.84 -33.71 -2.34
CA TYR A 232 -21.97 -33.84 -0.88
C TYR A 232 -23.16 -33.04 -0.34
N TYR A 233 -23.52 -31.94 -0.98
CA TYR A 233 -24.47 -30.92 -0.46
C TYR A 233 -25.77 -30.89 -1.31
N LEU A 234 -26.02 -31.87 -2.19
CA LEU A 234 -27.23 -31.93 -3.06
C LEU A 234 -28.51 -31.85 -2.20
N ASP A 235 -28.60 -32.63 -1.13
CA ASP A 235 -29.82 -32.66 -0.28
C ASP A 235 -30.06 -31.28 0.32
N TRP A 236 -29.01 -30.62 0.80
CA TRP A 236 -29.12 -29.24 1.33
C TRP A 236 -29.56 -28.26 0.22
N ILE A 237 -28.93 -28.30 -0.95
CA ILE A 237 -29.32 -27.44 -2.10
C ILE A 237 -30.83 -27.66 -2.39
N HIS A 238 -31.24 -28.92 -2.53
CA HIS A 238 -32.63 -29.31 -2.92
C HIS A 238 -33.64 -28.99 -1.81
N HIS A 239 -33.23 -28.69 -0.59
CA HIS A 239 -34.14 -28.07 0.40
C HIS A 239 -34.65 -26.69 -0.07
N TYR A 240 -33.85 -25.94 -0.84
CA TYR A 240 -34.14 -24.52 -1.17
C TYR A 240 -34.51 -24.35 -2.64
N VAL A 241 -33.87 -25.10 -3.53
CA VAL A 241 -33.90 -24.84 -5.00
C VAL A 241 -34.78 -25.92 -5.63
N PRO A 242 -35.91 -25.54 -6.28
CA PRO A 242 -36.75 -26.51 -7.00
C PRO A 242 -35.96 -27.36 -8.02
N LYS A 243 -36.32 -28.64 -8.16
CA LYS A 243 -35.90 -29.53 -9.29
C LYS A 243 -36.92 -29.46 -10.42
N ILE B 1 -10.81 13.63 -13.75
CA ILE B 1 -11.73 14.81 -13.80
C ILE B 1 -12.57 14.87 -12.51
N VAL B 2 -12.54 16.03 -11.81
CA VAL B 2 -13.30 16.22 -10.54
C VAL B 2 -14.59 16.98 -10.88
N GLY B 3 -15.73 16.50 -10.35
CA GLY B 3 -17.05 17.15 -10.50
C GLY B 3 -17.56 17.05 -11.92
N GLY B 4 -17.06 16.10 -12.70
CA GLY B 4 -17.47 16.00 -14.10
C GLY B 4 -18.68 15.11 -14.29
N GLN B 5 -18.94 14.78 -15.55
CA GLN B 5 -19.84 13.70 -15.98
C GLN B 5 -19.17 12.96 -17.13
N GLU B 6 -19.69 11.77 -17.41
CA GLU B 6 -19.28 10.96 -18.59
C GLU B 6 -19.60 11.77 -19.85
N ALA B 7 -18.71 11.74 -20.83
CA ALA B 7 -18.84 12.52 -22.08
C ALA B 7 -19.81 11.78 -22.99
N PRO B 8 -20.69 12.50 -23.73
CA PRO B 8 -21.39 11.91 -24.86
C PRO B 8 -20.36 11.37 -25.87
N ARG B 9 -20.72 10.29 -26.55
CA ARG B 9 -19.86 9.59 -27.55
C ARG B 9 -19.44 10.53 -28.69
N SER B 10 -20.26 11.52 -29.04
CA SER B 10 -20.02 12.47 -30.17
C SER B 10 -19.07 13.60 -29.77
N LYS B 11 -18.75 13.79 -28.48
CA LYS B 11 -17.95 14.97 -28.02
C LYS B 11 -16.49 14.58 -27.87
N TRP B 12 -15.59 15.54 -28.07
CA TRP B 12 -14.14 15.46 -27.83
C TRP B 12 -13.48 14.43 -28.72
N PRO B 13 -13.66 14.51 -30.06
CA PRO B 13 -13.07 13.53 -30.98
C PRO B 13 -11.54 13.56 -31.08
N TRP B 14 -10.92 14.58 -30.47
CA TRP B 14 -9.45 14.77 -30.46
C TRP B 14 -8.81 14.15 -29.20
N GLN B 15 -9.58 13.73 -28.20
CA GLN B 15 -9.02 13.22 -26.92
C GLN B 15 -8.20 11.97 -27.22
N VAL B 16 -6.97 11.88 -26.69
CA VAL B 16 -6.17 10.63 -26.77
C VAL B 16 -5.70 10.20 -25.37
N SER B 17 -5.46 8.90 -25.23
CA SER B 17 -4.88 8.25 -24.04
C SER B 17 -3.45 7.81 -24.35
N LEU B 18 -2.50 8.18 -23.50
CA LEU B 18 -1.08 7.72 -23.59
C LEU B 18 -0.94 6.47 -22.73
N ARG B 19 -0.23 5.47 -23.24
CA ARG B 19 -0.12 4.12 -22.63
C ARG B 19 1.34 3.71 -22.48
N VAL B 20 1.68 3.15 -21.32
CA VAL B 20 3.04 2.67 -20.96
C VAL B 20 3.00 1.15 -20.90
N HIS B 21 4.04 0.49 -21.41
CA HIS B 21 4.18 -0.99 -21.36
C HIS B 21 4.33 -1.46 -19.92
N GLY B 22 3.55 -2.45 -19.50
CA GLY B 22 3.72 -3.21 -18.26
C GLY B 22 2.85 -4.47 -18.32
N PRO B 23 2.26 -4.95 -17.21
CA PRO B 23 1.40 -6.13 -17.22
C PRO B 23 0.21 -5.92 -18.18
N TYR B 24 -0.18 -4.66 -18.38
CA TYR B 24 -1.02 -4.22 -19.53
C TYR B 24 -0.56 -2.82 -20.00
N TRP B 25 -1.11 -2.34 -21.11
CA TRP B 25 -0.83 -0.99 -21.67
C TRP B 25 -1.64 0.02 -20.89
N MET B 26 -1.05 0.53 -19.80
CA MET B 26 -1.77 1.33 -18.79
C MET B 26 -1.83 2.81 -19.24
N HIS B 27 -2.99 3.44 -19.11
CA HIS B 27 -3.17 4.91 -19.21
C HIS B 27 -2.35 5.61 -18.11
N PHE B 28 -1.49 6.55 -18.50
CA PHE B 28 -0.76 7.43 -17.57
C PHE B 28 -1.03 8.93 -17.84
N CYS B 29 -1.45 9.32 -19.05
CA CYS B 29 -1.67 10.75 -19.38
C CYS B 29 -2.63 10.87 -20.57
N GLY B 30 -3.22 12.06 -20.70
CA GLY B 30 -3.98 12.52 -21.87
C GLY B 30 -3.10 13.21 -22.90
N GLY B 31 -3.71 13.47 -24.03
CA GLY B 31 -3.17 14.22 -25.17
C GLY B 31 -4.31 14.70 -26.04
N SER B 32 -3.99 15.42 -27.12
CA SER B 32 -4.97 15.89 -28.11
C SER B 32 -4.40 15.66 -29.50
N LEU B 33 -5.27 15.25 -30.43
CA LEU B 33 -4.87 15.13 -31.86
C LEU B 33 -4.96 16.54 -32.49
N ILE B 34 -3.83 17.15 -32.81
CA ILE B 34 -3.80 18.53 -33.41
C ILE B 34 -3.51 18.44 -34.92
N HIS B 35 -3.13 17.28 -35.41
CA HIS B 35 -2.83 17.00 -36.83
C HIS B 35 -3.00 15.50 -36.96
N PRO B 36 -3.38 14.97 -38.14
CA PRO B 36 -3.46 13.52 -38.33
C PRO B 36 -2.25 12.70 -37.87
N GLN B 37 -1.05 13.28 -37.81
CA GLN B 37 0.19 12.55 -37.42
C GLN B 37 0.79 13.12 -36.12
N TRP B 38 0.09 14.01 -35.42
CA TRP B 38 0.67 14.70 -34.24
C TRP B 38 -0.28 14.74 -33.05
N VAL B 39 0.28 14.38 -31.91
CA VAL B 39 -0.40 14.52 -30.59
C VAL B 39 0.32 15.58 -29.76
N LEU B 40 -0.46 16.48 -29.19
CA LEU B 40 0.00 17.49 -28.21
C LEU B 40 -0.24 16.94 -26.80
N THR B 41 0.78 16.98 -25.95
CA THR B 41 0.68 16.57 -24.52
C THR B 41 1.55 17.48 -23.62
N ALA B 42 1.64 17.13 -22.34
CA ALA B 42 2.53 17.78 -21.33
C ALA B 42 3.91 17.14 -21.43
N ALA B 43 4.97 17.93 -21.41
CA ALA B 43 6.37 17.46 -21.25
C ALA B 43 6.54 16.57 -20.01
N HIS B 44 5.91 16.90 -18.88
CA HIS B 44 6.11 16.13 -17.62
C HIS B 44 5.58 14.69 -17.77
N CYS B 45 4.70 14.41 -18.74
CA CYS B 45 4.21 13.02 -19.01
C CYS B 45 5.33 12.15 -19.57
N VAL B 46 6.25 12.75 -20.33
CA VAL B 46 7.24 12.00 -21.15
C VAL B 46 8.67 12.52 -20.91
N GLY B 47 8.90 13.35 -19.89
CA GLY B 47 10.24 13.92 -19.59
C GLY B 47 10.33 14.44 -18.16
N PRO B 48 11.42 15.12 -17.74
CA PRO B 48 12.50 15.50 -18.65
C PRO B 48 13.47 14.40 -19.05
N ASP B 49 13.49 13.25 -18.38
CA ASP B 49 14.44 12.16 -18.71
C ASP B 49 13.99 11.41 -19.97
N VAL B 50 14.93 11.01 -20.81
CA VAL B 50 14.69 10.36 -22.12
C VAL B 50 14.11 8.96 -21.88
N LYS B 51 13.00 8.62 -22.52
CA LYS B 51 12.34 7.29 -22.37
C LYS B 51 12.38 6.49 -23.68
N ASP B 52 12.19 5.19 -23.58
CA ASP B 52 12.22 4.23 -24.71
C ASP B 52 10.91 4.38 -25.49
N LEU B 53 10.95 4.72 -26.76
CA LEU B 53 9.71 4.84 -27.59
C LEU B 53 8.94 3.53 -27.67
N ALA B 54 9.61 2.38 -27.56
CA ALA B 54 8.98 1.04 -27.66
C ALA B 54 7.96 0.85 -26.52
N ALA B 55 8.19 1.51 -25.38
CA ALA B 55 7.34 1.40 -24.17
C ALA B 55 6.14 2.34 -24.24
N LEU B 56 5.96 3.13 -25.30
CA LEU B 56 4.86 4.11 -25.41
C LEU B 56 3.92 3.74 -26.56
N ARG B 57 2.61 3.86 -26.35
CA ARG B 57 1.62 3.84 -27.43
C ARG B 57 0.56 4.91 -27.17
N VAL B 58 -0.14 5.23 -28.25
CA VAL B 58 -1.25 6.20 -28.27
C VAL B 58 -2.53 5.43 -28.58
N GLN B 59 -3.60 5.79 -27.89
CA GLN B 59 -4.96 5.26 -28.12
C GLN B 59 -5.84 6.46 -28.45
N LEU B 60 -6.49 6.46 -29.61
CA LEU B 60 -7.38 7.58 -30.02
C LEU B 60 -8.70 7.50 -29.27
N ARG B 61 -9.63 8.42 -29.53
CA ARG B 61 -10.83 8.54 -28.67
C ARG B 61 -11.51 7.18 -28.48
N GLU B 62 -11.70 6.79 -27.23
CA GLU B 62 -12.55 5.62 -26.85
C GLU B 62 -13.38 6.05 -25.65
N GLN B 63 -14.62 5.60 -25.62
CA GLN B 63 -15.61 5.98 -24.58
C GLN B 63 -15.18 5.37 -23.23
N HIS B 64 -14.67 4.13 -23.23
CA HIS B 64 -14.24 3.40 -22.02
C HIS B 64 -12.82 2.88 -22.25
N LEU B 65 -11.89 3.23 -21.37
CA LEU B 65 -10.47 2.78 -21.50
C LEU B 65 -10.41 1.26 -21.54
N TYR B 66 -9.55 0.72 -22.40
CA TYR B 66 -9.08 -0.70 -22.40
C TYR B 66 -10.03 -1.64 -23.17
N TYR B 67 -11.30 -1.25 -23.36
N TYR B 67 -11.29 -1.27 -23.37
CA TYR B 67 -12.39 -2.13 -23.86
CA TYR B 67 -12.35 -2.22 -23.82
C TYR B 67 -12.13 -2.53 -25.30
C TYR B 67 -12.17 -2.52 -25.31
N GLN B 68 -11.87 -1.55 -26.18
CA GLN B 68 -11.62 -1.82 -27.63
C GLN B 68 -10.39 -1.08 -28.08
N ASP B 69 -9.27 -1.35 -27.43
CA ASP B 69 -7.99 -0.66 -27.75
C ASP B 69 -7.58 -0.98 -29.19
N GLN B 70 -7.07 0.03 -29.91
CA GLN B 70 -6.27 -0.11 -31.16
C GLN B 70 -5.02 0.78 -31.00
N LEU B 71 -3.95 0.20 -30.45
CA LEU B 71 -2.80 0.97 -29.92
C LEU B 71 -1.91 1.38 -31.08
N LEU B 72 -1.49 2.64 -31.09
CA LEU B 72 -0.70 3.24 -32.20
C LEU B 72 0.72 3.51 -31.74
N PRO B 73 1.74 3.06 -32.50
CA PRO B 73 3.12 3.33 -32.13
C PRO B 73 3.48 4.81 -32.44
N VAL B 74 4.46 5.32 -31.69
CA VAL B 74 4.96 6.73 -31.76
C VAL B 74 6.35 6.69 -32.43
N SER B 75 6.63 7.54 -33.40
CA SER B 75 7.93 7.58 -34.11
C SER B 75 8.90 8.52 -33.39
N ARG B 76 8.41 9.56 -32.71
CA ARG B 76 9.26 10.58 -32.09
C ARG B 76 8.54 11.26 -30.93
N ILE B 77 9.28 11.52 -29.85
CA ILE B 77 8.86 12.40 -28.73
C ILE B 77 9.64 13.70 -28.84
N ILE B 78 8.96 14.84 -28.94
CA ILE B 78 9.61 16.18 -28.94
C ILE B 78 9.20 16.89 -27.65
N VAL B 79 10.13 16.95 -26.69
CA VAL B 79 9.88 17.70 -25.43
C VAL B 79 10.50 19.06 -25.58
N HIS B 80 9.73 20.09 -25.27
CA HIS B 80 10.25 21.47 -25.30
C HIS B 80 11.60 21.51 -24.57
N PRO B 81 12.67 22.01 -25.19
CA PRO B 81 13.98 22.03 -24.55
C PRO B 81 14.14 22.92 -23.30
N GLN B 82 13.22 23.83 -23.05
CA GLN B 82 13.24 24.68 -21.83
C GLN B 82 12.53 23.96 -20.69
N PHE B 83 11.96 22.76 -20.88
CA PHE B 83 11.26 22.02 -19.81
C PHE B 83 12.25 21.31 -18.87
N TYR B 84 12.02 21.48 -17.57
CA TYR B 84 12.64 20.64 -16.51
C TYR B 84 11.56 20.24 -15.48
N THR B 85 10.73 21.17 -15.00
CA THR B 85 9.58 20.87 -14.11
C THR B 85 8.38 21.72 -14.55
N ALA B 86 7.20 21.27 -14.22
CA ALA B 86 5.93 21.95 -14.54
C ALA B 86 5.89 23.33 -13.88
N GLN B 87 6.41 23.48 -12.65
CA GLN B 87 6.29 24.78 -11.93
C GLN B 87 7.21 25.84 -12.55
N ILE B 88 8.31 25.43 -13.17
CA ILE B 88 9.21 26.34 -13.93
C ILE B 88 8.53 26.70 -15.26
N GLY B 89 7.95 25.72 -15.97
CA GLY B 89 7.12 25.95 -17.18
C GLY B 89 7.67 25.24 -18.40
N ALA B 90 7.24 25.69 -19.58
CA ALA B 90 7.48 25.02 -20.87
C ALA B 90 7.00 23.55 -20.79
N ASP B 91 5.88 23.31 -20.09
CA ASP B 91 5.33 21.94 -19.88
C ASP B 91 4.51 21.53 -21.14
N ILE B 92 5.20 21.18 -22.21
CA ILE B 92 4.56 20.94 -23.53
C ILE B 92 5.46 20.03 -24.34
N ALA B 93 4.84 19.10 -25.06
CA ALA B 93 5.51 18.07 -25.87
C ALA B 93 4.63 17.65 -27.03
N LEU B 94 5.28 17.06 -28.02
CA LEU B 94 4.64 16.58 -29.28
C LEU B 94 5.02 15.11 -29.45
N LEU B 95 4.02 14.28 -29.76
CA LEU B 95 4.25 12.89 -30.22
C LEU B 95 3.92 12.83 -31.72
N GLU B 96 4.89 12.39 -32.49
CA GLU B 96 4.75 12.09 -33.92
C GLU B 96 4.36 10.62 -34.08
N LEU B 97 3.17 10.37 -34.63
CA LEU B 97 2.68 8.99 -34.90
C LEU B 97 3.46 8.45 -36.10
N GLU B 98 3.56 7.12 -36.17
CA GLU B 98 4.24 6.37 -37.27
CA GLU B 98 4.23 6.38 -37.26
C GLU B 98 3.42 6.50 -38.55
N GLU B 99 2.12 6.77 -38.45
CA GLU B 99 1.18 6.90 -39.58
C GLU B 99 0.19 8.01 -39.32
N PRO B 100 -0.25 8.71 -40.38
CA PRO B 100 -1.32 9.70 -40.26
C PRO B 100 -2.60 8.90 -39.94
N VAL B 101 -3.46 9.46 -39.12
CA VAL B 101 -4.78 8.88 -38.77
C VAL B 101 -5.71 9.28 -39.93
N LYS B 102 -6.57 8.34 -40.34
CA LYS B 102 -7.71 8.61 -41.26
C LYS B 102 -8.83 9.25 -40.44
N VAL B 103 -9.09 10.56 -40.58
CA VAL B 103 -10.03 11.30 -39.68
C VAL B 103 -11.48 10.96 -40.06
N SER B 104 -12.39 11.14 -39.12
CA SER B 104 -13.83 10.82 -39.23
C SER B 104 -14.61 11.77 -38.33
N SER B 105 -15.93 11.69 -38.32
CA SER B 105 -16.75 12.54 -37.41
C SER B 105 -16.50 12.12 -35.95
N HIS B 106 -16.14 10.85 -35.69
CA HIS B 106 -15.91 10.31 -34.34
C HIS B 106 -14.47 10.61 -33.84
N VAL B 107 -13.47 10.59 -34.71
CA VAL B 107 -12.04 10.82 -34.35
C VAL B 107 -11.47 11.85 -35.34
N HIS B 108 -11.19 13.07 -34.85
CA HIS B 108 -10.55 14.12 -35.69
C HIS B 108 -9.86 15.19 -34.83
N THR B 109 -9.19 16.15 -35.48
CA THR B 109 -8.21 17.06 -34.84
C THR B 109 -8.94 18.19 -34.15
N VAL B 110 -8.31 18.77 -33.14
CA VAL B 110 -8.79 20.03 -32.50
C VAL B 110 -8.06 21.17 -33.21
N THR B 111 -8.67 22.34 -33.25
CA THR B 111 -8.07 23.56 -33.85
C THR B 111 -7.20 24.27 -32.79
N LEU B 112 -5.98 24.65 -33.16
CA LEU B 112 -5.10 25.52 -32.35
C LEU B 112 -5.60 26.96 -32.44
N PRO B 113 -5.48 27.74 -31.35
CA PRO B 113 -5.91 29.13 -31.38
C PRO B 113 -4.92 29.96 -32.21
N PRO B 114 -5.34 31.12 -32.75
CA PRO B 114 -4.40 32.08 -33.32
C PRO B 114 -3.58 32.71 -32.17
N ALA B 115 -2.35 33.15 -32.47
CA ALA B 115 -1.39 33.79 -31.52
C ALA B 115 -2.06 34.92 -30.77
N SER B 116 -2.95 35.66 -31.41
CA SER B 116 -3.62 36.85 -30.82
C SER B 116 -4.73 36.48 -29.81
N GLU B 117 -5.23 35.24 -29.80
CA GLU B 117 -6.44 34.85 -29.04
C GLU B 117 -6.15 34.94 -27.55
N THR B 118 -6.96 35.72 -26.84
CA THR B 118 -6.91 35.92 -25.38
C THR B 118 -8.23 35.36 -24.86
N PHE B 119 -8.18 34.17 -24.29
CA PHE B 119 -9.33 33.46 -23.69
C PHE B 119 -9.71 34.22 -22.43
N PRO B 120 -10.72 35.10 -22.43
CA PRO B 120 -10.90 36.03 -21.34
C PRO B 120 -11.46 35.37 -20.08
N PRO B 121 -11.21 35.97 -18.91
CA PRO B 121 -11.74 35.43 -17.66
C PRO B 121 -13.25 35.22 -17.71
N GLY B 122 -13.71 34.09 -17.19
CA GLY B 122 -15.14 33.75 -17.08
C GLY B 122 -15.64 32.91 -18.25
N MET B 123 -14.89 32.88 -19.36
CA MET B 123 -15.27 32.11 -20.58
C MET B 123 -15.53 30.64 -20.20
N PRO B 124 -16.63 30.02 -20.70
CA PRO B 124 -16.87 28.59 -20.48
C PRO B 124 -15.94 27.72 -21.36
N CYS B 125 -15.07 26.95 -20.72
CA CYS B 125 -14.15 25.99 -21.36
C CYS B 125 -14.36 24.61 -20.72
N TRP B 126 -13.86 23.55 -21.36
CA TRP B 126 -14.06 22.15 -20.97
C TRP B 126 -12.71 21.46 -20.90
N VAL B 127 -12.54 20.66 -19.87
CA VAL B 127 -11.37 19.77 -19.77
C VAL B 127 -11.90 18.34 -19.65
N THR B 128 -11.19 17.42 -20.30
CA THR B 128 -11.65 16.05 -20.50
C THR B 128 -10.52 15.10 -20.10
N GLY B 129 -10.88 13.87 -19.69
CA GLY B 129 -9.86 12.82 -19.51
C GLY B 129 -10.33 11.70 -18.62
N TRP B 130 -9.41 10.76 -18.41
CA TRP B 130 -9.67 9.51 -17.63
C TRP B 130 -8.91 9.54 -16.30
N GLY B 131 -8.65 10.74 -15.76
CA GLY B 131 -7.91 10.87 -14.50
C GLY B 131 -8.80 10.65 -13.26
N ASP B 132 -8.19 10.80 -12.09
CA ASP B 132 -8.83 10.68 -10.76
C ASP B 132 -10.05 11.60 -10.66
N VAL B 133 -11.05 11.13 -9.94
CA VAL B 133 -12.35 11.84 -9.73
C VAL B 133 -12.29 12.64 -8.43
N ASP B 134 -11.20 12.53 -7.66
CA ASP B 134 -10.89 13.39 -6.50
C ASP B 134 -9.46 13.07 -6.04
N ASN B 135 -8.91 13.81 -5.07
CA ASN B 135 -7.55 13.54 -4.55
C ASN B 135 -7.43 12.06 -4.15
N ASP B 136 -6.47 11.34 -4.73
CA ASP B 136 -6.17 9.91 -4.46
CA ASP B 136 -6.18 9.91 -4.43
C ASP B 136 -7.44 9.04 -4.61
N GLU B 137 -8.33 9.38 -5.54
CA GLU B 137 -9.57 8.61 -5.84
C GLU B 137 -9.56 8.29 -7.34
N ARG B 138 -9.24 7.05 -7.68
CA ARG B 138 -9.14 6.52 -9.07
C ARG B 138 -10.48 6.64 -9.79
N LEU B 139 -10.44 6.86 -11.09
CA LEU B 139 -11.62 6.66 -11.95
C LEU B 139 -11.99 5.17 -11.83
N PRO B 140 -13.20 4.81 -11.40
CA PRO B 140 -13.61 3.40 -11.36
C PRO B 140 -13.82 2.77 -12.74
N PRO B 141 -13.65 1.44 -12.87
CA PRO B 141 -14.18 0.71 -14.03
C PRO B 141 -15.65 1.07 -14.21
N PRO B 142 -16.20 1.14 -15.44
CA PRO B 142 -15.47 0.86 -16.69
C PRO B 142 -14.70 2.03 -17.35
N PHE B 143 -14.23 3.01 -16.57
CA PHE B 143 -13.27 4.05 -17.01
C PHE B 143 -13.84 4.89 -18.17
N PRO B 144 -15.01 5.52 -17.98
CA PRO B 144 -15.63 6.32 -19.03
C PRO B 144 -14.83 7.64 -19.18
N LEU B 145 -14.67 8.14 -20.41
CA LEU B 145 -14.10 9.49 -20.62
C LEU B 145 -14.98 10.52 -19.91
N LYS B 146 -14.40 11.38 -19.06
CA LYS B 146 -15.17 12.41 -18.31
C LYS B 146 -14.88 13.82 -18.85
N GLN B 147 -15.77 14.75 -18.55
CA GLN B 147 -15.73 16.16 -19.03
C GLN B 147 -16.16 17.03 -17.85
N VAL B 148 -15.61 18.23 -17.72
CA VAL B 148 -16.13 19.22 -16.75
C VAL B 148 -15.95 20.63 -17.34
N LYS B 149 -16.97 21.47 -17.16
CA LYS B 149 -16.92 22.91 -17.52
C LYS B 149 -16.16 23.63 -16.41
N VAL B 150 -15.14 24.38 -16.76
CA VAL B 150 -14.25 25.13 -15.82
C VAL B 150 -14.11 26.54 -16.38
N PRO B 151 -14.34 27.57 -15.55
CA PRO B 151 -14.15 28.95 -16.01
C PRO B 151 -12.64 29.27 -16.05
N ILE B 152 -12.23 29.93 -17.13
CA ILE B 152 -10.90 30.60 -17.26
C ILE B 152 -10.79 31.70 -16.19
N MET B 153 -9.61 31.80 -15.59
N MET B 153 -9.62 31.80 -15.57
CA MET B 153 -9.29 32.81 -14.56
CA MET B 153 -9.30 32.84 -14.57
C MET B 153 -8.01 33.54 -15.01
C MET B 153 -8.02 33.54 -15.00
N GLU B 154 -7.98 34.86 -14.81
CA GLU B 154 -6.81 35.70 -15.17
C GLU B 154 -5.58 35.19 -14.40
N ASN B 155 -4.43 35.17 -15.04
CA ASN B 155 -3.15 34.76 -14.41
C ASN B 155 -2.91 35.53 -13.13
N HIS B 156 -3.18 36.83 -13.08
CA HIS B 156 -2.88 37.66 -11.90
C HIS B 156 -3.73 37.18 -10.72
N ILE B 157 -5.00 36.85 -10.94
CA ILE B 157 -5.92 36.34 -9.88
C ILE B 157 -5.46 34.96 -9.39
N CYS B 158 -5.09 34.11 -10.31
N CYS B 158 -5.09 34.08 -10.30
CA CYS B 158 -4.69 32.71 -10.02
CA CYS B 158 -4.70 32.68 -9.98
C CYS B 158 -3.38 32.71 -9.22
C CYS B 158 -3.38 32.71 -9.21
N ASP B 159 -2.43 33.55 -9.64
CA ASP B 159 -1.15 33.80 -8.94
C ASP B 159 -1.46 34.27 -7.51
N ALA B 160 -2.35 35.24 -7.37
CA ALA B 160 -2.76 35.77 -6.05
C ALA B 160 -3.34 34.63 -5.20
N LYS B 161 -4.19 33.76 -5.76
CA LYS B 161 -4.78 32.65 -4.99
C LYS B 161 -3.68 31.72 -4.47
N TYR B 162 -2.71 31.36 -5.30
CA TYR B 162 -1.63 30.42 -4.90
C TYR B 162 -0.81 30.98 -3.73
N HIS B 163 -0.83 32.31 -3.52
CA HIS B 163 -0.10 33.01 -2.44
C HIS B 163 -0.90 33.01 -1.13
N LEU B 164 -2.23 32.83 -1.19
CA LEU B 164 -3.06 32.80 0.04
C LEU B 164 -2.71 31.51 0.80
N GLY B 165 -2.36 31.59 2.09
CA GLY B 165 -2.01 30.42 2.90
C GLY B 165 -0.65 29.85 2.49
N ALA B 166 0.21 30.70 1.92
CA ALA B 166 1.58 30.34 1.52
C ALA B 166 2.58 31.33 2.10
N TYR B 167 3.82 30.88 2.30
CA TYR B 167 4.95 31.71 2.80
C TYR B 167 5.54 32.51 1.63
N THR B 168 5.26 32.13 0.37
CA THR B 168 5.91 32.73 -0.81
C THR B 168 5.57 34.22 -0.81
N GLY B 169 6.55 35.08 -1.04
CA GLY B 169 6.34 36.52 -1.15
C GLY B 169 5.41 36.87 -2.29
N ASP B 170 4.54 37.86 -2.08
CA ASP B 170 3.47 38.27 -3.03
C ASP B 170 4.04 38.72 -4.38
N ASP B 171 5.27 39.22 -4.41
CA ASP B 171 6.00 39.71 -5.62
C ASP B 171 6.74 38.57 -6.31
N VAL B 172 6.72 37.34 -5.77
CA VAL B 172 7.43 36.16 -6.35
C VAL B 172 6.37 35.36 -7.11
N ARG B 173 6.56 35.26 -8.41
CA ARG B 173 5.55 34.71 -9.33
C ARG B 173 5.47 33.18 -9.15
N ILE B 174 4.27 32.64 -8.92
CA ILE B 174 4.04 31.17 -8.91
C ILE B 174 3.45 30.73 -10.25
N VAL B 175 2.39 31.42 -10.68
CA VAL B 175 1.74 31.19 -12.00
C VAL B 175 2.39 32.11 -13.02
N ARG B 176 3.09 31.53 -13.98
CA ARG B 176 3.97 32.27 -14.91
C ARG B 176 3.18 32.59 -16.18
N ASP B 177 3.76 33.40 -17.07
CA ASP B 177 3.06 33.98 -18.25
C ASP B 177 2.84 32.91 -19.32
N ASP B 178 3.63 31.83 -19.34
CA ASP B 178 3.40 30.69 -20.27
C ASP B 178 2.35 29.71 -19.70
N MET B 179 1.63 30.04 -18.62
CA MET B 179 0.62 29.19 -17.96
C MET B 179 -0.72 29.89 -18.06
N LEU B 180 -1.77 29.12 -17.84
CA LEU B 180 -3.18 29.54 -17.88
C LEU B 180 -3.85 28.79 -16.72
N CYS B 181 -4.89 29.36 -16.12
N CYS B 181 -4.92 29.32 -16.16
CA CYS B 181 -5.57 28.86 -14.90
CA CYS B 181 -5.54 28.75 -14.98
C CYS B 181 -7.07 28.67 -15.13
C CYS B 181 -7.08 28.67 -15.10
N ALA B 182 -7.66 27.58 -14.58
CA ALA B 182 -9.12 27.32 -14.62
C ALA B 182 -9.52 26.39 -13.47
N GLY B 183 -10.76 26.52 -13.01
CA GLY B 183 -11.38 25.56 -12.07
C GLY B 183 -11.65 26.17 -10.72
N ASN B 184 -12.29 25.42 -9.83
CA ASN B 184 -12.75 25.86 -8.50
C ASN B 184 -12.79 24.60 -7.62
N THR B 185 -13.40 24.69 -6.44
CA THR B 185 -13.40 23.59 -5.46
C THR B 185 -14.43 22.52 -5.81
N ARG B 186 -15.21 22.71 -6.88
CA ARG B 186 -16.16 21.67 -7.38
C ARG B 186 -15.71 21.11 -8.73
N ARG B 187 -14.88 21.81 -9.52
CA ARG B 187 -14.59 21.44 -10.94
C ARG B 187 -13.10 21.59 -11.22
N ASP B 188 -12.44 20.52 -11.60
CA ASP B 188 -10.97 20.54 -11.84
C ASP B 188 -10.57 19.31 -12.65
N SER B 189 -9.38 19.36 -13.20
CA SER B 189 -8.62 18.20 -13.70
C SER B 189 -7.81 17.61 -12.54
N CYS B 190 -7.27 16.41 -12.68
CA CYS B 190 -6.64 15.68 -11.56
C CYS B 190 -5.60 14.71 -12.13
N GLN B 191 -4.94 13.95 -11.26
CA GLN B 191 -3.84 13.03 -11.65
C GLN B 191 -4.40 12.06 -12.69
N GLY B 192 -3.69 11.91 -13.81
CA GLY B 192 -4.11 11.11 -14.98
C GLY B 192 -4.78 11.93 -16.07
N ASP B 193 -5.19 13.17 -15.80
CA ASP B 193 -5.68 14.10 -16.85
C ASP B 193 -4.54 14.87 -17.52
N SER B 194 -3.35 14.86 -16.91
CA SER B 194 -2.14 15.52 -17.38
C SER B 194 -1.98 15.30 -18.88
N GLY B 195 -1.65 16.39 -19.58
CA GLY B 195 -1.36 16.36 -21.02
C GLY B 195 -2.62 16.47 -21.87
N GLY B 196 -3.79 16.28 -21.27
CA GLY B 196 -5.09 16.40 -21.91
C GLY B 196 -5.44 17.85 -22.26
N PRO B 197 -6.46 18.06 -23.10
CA PRO B 197 -6.82 19.40 -23.57
C PRO B 197 -7.83 20.16 -22.70
N LEU B 198 -7.61 21.48 -22.59
CA LEU B 198 -8.61 22.47 -22.15
C LEU B 198 -9.06 23.18 -23.44
N VAL B 199 -10.34 23.03 -23.81
CA VAL B 199 -10.89 23.51 -25.11
C VAL B 199 -11.96 24.56 -24.80
N CYS B 200 -12.02 25.60 -25.62
CA CYS B 200 -13.02 26.69 -25.48
C CYS B 200 -13.69 26.88 -26.86
N LYS B 201 -14.99 27.10 -26.86
CA LYS B 201 -15.75 27.31 -28.14
C LYS B 201 -15.74 28.81 -28.43
N VAL B 202 -15.05 29.22 -29.51
CA VAL B 202 -14.86 30.63 -29.91
C VAL B 202 -15.39 30.79 -31.35
N ASN B 203 -16.36 31.70 -31.58
CA ASN B 203 -16.93 32.00 -32.93
C ASN B 203 -17.32 30.68 -33.61
N GLY B 204 -18.05 29.82 -32.87
CA GLY B 204 -18.55 28.50 -33.29
C GLY B 204 -17.49 27.42 -33.48
N THR B 205 -16.21 27.66 -33.15
CA THR B 205 -15.10 26.68 -33.33
C THR B 205 -14.48 26.29 -31.98
N TRP B 206 -14.20 24.99 -31.78
CA TRP B 206 -13.46 24.51 -30.59
C TRP B 206 -11.97 24.84 -30.77
N LEU B 207 -11.39 25.66 -29.87
CA LEU B 207 -9.95 26.00 -29.83
C LEU B 207 -9.30 25.39 -28.56
N GLN B 208 -8.13 24.78 -28.71
CA GLN B 208 -7.38 24.31 -27.52
C GLN B 208 -6.64 25.49 -26.86
N ALA B 209 -7.14 25.95 -25.72
CA ALA B 209 -6.51 27.02 -24.89
C ALA B 209 -5.33 26.47 -24.06
N GLY B 210 -5.43 25.25 -23.54
CA GLY B 210 -4.52 24.74 -22.49
C GLY B 210 -4.17 23.27 -22.62
N VAL B 211 -3.05 22.92 -21.99
CA VAL B 211 -2.65 21.52 -21.74
C VAL B 211 -2.62 21.32 -20.23
N VAL B 212 -3.31 20.30 -19.72
CA VAL B 212 -3.35 19.98 -18.26
C VAL B 212 -1.89 19.84 -17.77
N SER B 213 -1.45 20.67 -16.83
CA SER B 213 -0.04 20.73 -16.36
C SER B 213 0.07 20.32 -14.87
N TRP B 214 -0.41 21.15 -13.95
CA TRP B 214 -0.13 20.94 -12.50
C TRP B 214 -1.14 21.69 -11.66
N GLY B 215 -1.06 21.42 -10.37
CA GLY B 215 -1.76 22.16 -9.34
C GLY B 215 -1.34 21.62 -8.01
N GLU B 216 -1.78 22.25 -6.93
N GLU B 216 -1.76 22.26 -6.92
CA GLU B 216 -1.66 21.72 -5.54
CA GLU B 216 -1.65 21.68 -5.56
C GLU B 216 -2.92 20.85 -5.30
C GLU B 216 -2.92 20.85 -5.30
N GLY B 217 -2.81 19.53 -5.49
CA GLY B 217 -3.97 18.62 -5.45
C GLY B 217 -4.97 19.00 -6.51
N CYS B 218 -6.22 18.65 -6.29
CA CYS B 218 -7.34 18.81 -7.26
C CYS B 218 -8.50 19.43 -6.49
N ALA B 219 -9.08 20.49 -7.02
CA ALA B 219 -10.30 21.15 -6.51
C ALA B 219 -10.10 21.62 -5.06
N GLN B 220 -8.88 22.00 -4.66
CA GLN B 220 -8.54 22.52 -3.30
C GLN B 220 -8.82 24.03 -3.24
N PRO B 221 -9.25 24.55 -2.07
CA PRO B 221 -9.45 25.99 -1.88
C PRO B 221 -8.22 26.82 -2.30
N ASN B 222 -8.43 27.84 -3.14
CA ASN B 222 -7.40 28.81 -3.61
C ASN B 222 -6.28 28.09 -4.36
N ARG B 223 -6.56 26.97 -5.02
CA ARG B 223 -5.52 26.24 -5.79
C ARG B 223 -6.13 25.77 -7.10
N PRO B 224 -6.46 26.71 -8.00
CA PRO B 224 -7.03 26.35 -9.29
C PRO B 224 -6.08 25.49 -10.11
N GLY B 225 -6.65 24.75 -11.07
CA GLY B 225 -5.85 23.99 -12.04
C GLY B 225 -4.97 24.88 -12.90
N ILE B 226 -3.71 24.51 -13.11
CA ILE B 226 -2.76 25.25 -13.97
C ILE B 226 -2.49 24.43 -15.23
N TYR B 227 -2.43 25.12 -16.37
CA TYR B 227 -2.35 24.56 -17.74
C TYR B 227 -1.20 25.26 -18.50
N THR B 228 -0.51 24.57 -19.41
CA THR B 228 0.38 25.25 -20.38
C THR B 228 -0.51 26.09 -21.30
N ARG B 229 -0.20 27.37 -21.46
CA ARG B 229 -0.93 28.33 -22.35
C ARG B 229 -0.52 28.04 -23.81
N VAL B 230 -1.44 27.51 -24.60
CA VAL B 230 -1.06 26.98 -25.95
C VAL B 230 -0.59 28.16 -26.81
N THR B 231 -1.24 29.31 -26.73
CA THR B 231 -0.90 30.48 -27.60
C THR B 231 0.58 30.81 -27.40
N TYR B 232 1.09 30.63 -26.18
CA TYR B 232 2.50 30.96 -25.83
C TYR B 232 3.45 30.14 -26.67
N TYR B 233 3.12 28.90 -27.01
CA TYR B 233 4.05 27.95 -27.66
C TYR B 233 3.66 27.68 -29.13
N LEU B 234 2.81 28.49 -29.76
CA LEU B 234 2.39 28.27 -31.20
C LEU B 234 3.59 28.20 -32.12
N ASP B 235 4.56 29.10 -31.98
CA ASP B 235 5.73 29.13 -32.89
C ASP B 235 6.52 27.84 -32.76
N TRP B 236 6.71 27.33 -31.53
CA TRP B 236 7.39 26.03 -31.28
C TRP B 236 6.57 24.89 -31.89
N ILE B 237 5.28 24.83 -31.62
CA ILE B 237 4.40 23.75 -32.18
C ILE B 237 4.52 23.78 -33.72
N HIS B 238 4.33 24.96 -34.34
CA HIS B 238 4.31 25.15 -35.82
C HIS B 238 5.68 24.93 -36.44
N HIS B 239 6.75 24.89 -35.66
CA HIS B 239 8.08 24.45 -36.15
C HIS B 239 8.06 22.99 -36.61
N TYR B 240 7.17 22.16 -36.03
CA TYR B 240 7.11 20.70 -36.30
C TYR B 240 5.80 20.32 -37.00
N VAL B 241 4.69 21.02 -36.73
CA VAL B 241 3.33 20.59 -37.15
C VAL B 241 2.85 21.52 -38.25
N PRO B 242 2.64 21.01 -39.49
CA PRO B 242 2.04 21.79 -40.58
C PRO B 242 0.75 22.54 -40.21
N LYS B 243 0.54 23.72 -40.81
CA LYS B 243 -0.53 24.69 -40.46
C LYS B 243 -1.74 24.49 -41.39
N ILE C 1 -1.59 -5.15 21.43
CA ILE C 1 -2.51 -5.10 22.63
C ILE C 1 -3.48 -3.90 22.47
N VAL C 2 -4.79 -4.15 22.60
CA VAL C 2 -5.85 -3.11 22.50
C VAL C 2 -6.25 -2.71 23.91
N GLY C 3 -6.31 -1.39 24.14
CA GLY C 3 -6.77 -0.80 25.41
C GLY C 3 -5.78 -1.01 26.53
N GLY C 4 -4.53 -1.28 26.20
CA GLY C 4 -3.54 -1.59 27.22
C GLY C 4 -2.82 -0.35 27.71
N GLN C 5 -1.74 -0.56 28.46
CA GLN C 5 -0.71 0.44 28.79
C GLN C 5 0.66 -0.21 28.69
N GLU C 6 1.69 0.60 28.66
CA GLU C 6 3.10 0.17 28.71
C GLU C 6 3.31 -0.58 30.02
N ALA C 7 4.02 -1.69 29.97
CA ALA C 7 4.30 -2.55 31.12
C ALA C 7 5.40 -1.89 31.96
N PRO C 8 5.32 -1.94 33.32
CA PRO C 8 6.48 -1.70 34.15
C PRO C 8 7.60 -2.66 33.77
N ARG C 9 8.85 -2.21 33.88
CA ARG C 9 10.08 -3.02 33.58
C ARG C 9 10.15 -4.29 34.43
N SER C 10 9.60 -4.28 35.64
CA SER C 10 9.65 -5.41 36.61
C SER C 10 8.58 -6.48 36.30
N LYS C 11 7.65 -6.25 35.37
CA LYS C 11 6.53 -7.20 35.10
C LYS C 11 6.84 -8.03 33.85
N TRP C 12 6.31 -9.26 33.81
CA TRP C 12 6.29 -10.17 32.64
C TRP C 12 7.71 -10.56 32.24
N PRO C 13 8.54 -11.09 33.17
CA PRO C 13 9.92 -11.47 32.85
C PRO C 13 10.07 -12.65 31.88
N TRP C 14 8.97 -13.32 31.59
CA TRP C 14 8.90 -14.48 30.67
C TRP C 14 8.57 -14.06 29.24
N GLN C 15 8.15 -12.81 28.99
CA GLN C 15 7.71 -12.39 27.63
C GLN C 15 8.88 -12.54 26.66
N VAL C 16 8.65 -13.15 25.49
CA VAL C 16 9.67 -13.17 24.40
C VAL C 16 9.08 -12.66 23.09
N SER C 17 9.97 -12.17 22.23
CA SER C 17 9.68 -11.70 20.85
C SER C 17 10.32 -12.68 19.86
N LEU C 18 9.54 -13.16 18.91
CA LEU C 18 10.01 -14.02 17.79
C LEU C 18 10.36 -13.11 16.64
N ARG C 19 11.51 -13.36 16.01
CA ARG C 19 12.12 -12.51 14.97
C ARG C 19 12.39 -13.31 13.70
N VAL C 20 12.04 -12.74 12.54
CA VAL C 20 12.23 -13.36 11.19
C VAL C 20 13.30 -12.54 10.45
N HIS C 21 14.22 -13.21 9.75
CA HIS C 21 15.31 -12.56 8.97
C HIS C 21 14.70 -11.77 7.80
N GLY C 22 15.11 -10.53 7.60
CA GLY C 22 14.75 -9.66 6.45
C GLY C 22 15.71 -8.47 6.40
N PRO C 23 15.29 -7.27 5.93
CA PRO C 23 16.11 -6.06 6.02
C PRO C 23 16.54 -5.80 7.47
N TYR C 24 15.71 -6.22 8.43
CA TYR C 24 16.08 -6.34 9.88
C TYR C 24 15.37 -7.56 10.50
N TRP C 25 15.74 -7.91 11.73
CA TRP C 25 15.15 -9.04 12.51
C TRP C 25 13.84 -8.57 13.09
N MET C 26 12.78 -8.77 12.32
CA MET C 26 11.46 -8.18 12.57
C MET C 26 10.64 -9.06 13.53
N HIS C 27 10.01 -8.46 14.52
CA HIS C 27 8.98 -9.08 15.38
C HIS C 27 7.79 -9.52 14.53
N PHE C 28 7.41 -10.79 14.61
CA PHE C 28 6.16 -11.31 13.98
C PHE C 28 5.24 -11.96 15.02
N CYS C 29 5.75 -12.41 16.18
CA CYS C 29 4.92 -13.10 17.19
C CYS C 29 5.58 -12.99 18.56
N GLY C 30 4.77 -13.23 19.58
CA GLY C 30 5.19 -13.41 20.98
C GLY C 30 5.42 -14.88 21.29
N GLY C 31 5.86 -15.09 22.53
CA GLY C 31 6.13 -16.40 23.15
C GLY C 31 6.31 -16.19 24.64
N SER C 32 6.53 -17.27 25.37
CA SER C 32 6.80 -17.24 26.84
C SER C 32 7.93 -18.21 27.14
N LEU C 33 8.81 -17.81 28.06
CA LEU C 33 9.89 -18.70 28.54
C LEU C 33 9.29 -19.62 29.62
N ILE C 34 9.11 -20.90 29.33
CA ILE C 34 8.49 -21.89 30.29
C ILE C 34 9.61 -22.75 30.95
N HIS C 35 10.82 -22.66 30.44
CA HIS C 35 11.99 -23.41 30.93
C HIS C 35 13.18 -22.62 30.41
N PRO C 36 14.35 -22.65 31.10
CA PRO C 36 15.53 -21.96 30.59
C PRO C 36 15.89 -22.21 29.12
N GLN C 37 15.50 -23.36 28.55
CA GLN C 37 15.87 -23.73 27.16
C GLN C 37 14.61 -23.88 26.28
N TRP C 38 13.43 -23.51 26.79
CA TRP C 38 12.17 -23.72 26.00
C TRP C 38 11.28 -22.47 25.99
N VAL C 39 10.82 -22.14 24.78
CA VAL C 39 9.78 -21.09 24.55
C VAL C 39 8.50 -21.78 24.06
N LEU C 40 7.39 -21.39 24.67
CA LEU C 40 6.02 -21.76 24.26
C LEU C 40 5.45 -20.63 23.37
N THR C 41 4.93 -21.00 22.20
CA THR C 41 4.25 -20.08 21.26
C THR C 41 3.04 -20.76 20.59
N ALA C 42 2.43 -20.06 19.63
CA ALA C 42 1.32 -20.55 18.78
C ALA C 42 1.92 -21.28 17.59
N ALA C 43 1.40 -22.43 17.22
CA ALA C 43 1.76 -23.16 15.98
C ALA C 43 1.60 -22.28 14.73
N HIS C 44 0.55 -21.46 14.64
CA HIS C 44 0.27 -20.66 13.42
C HIS C 44 1.38 -19.62 13.20
N CYS C 45 2.19 -19.26 14.22
CA CYS C 45 3.36 -18.36 14.07
C CYS C 45 4.46 -19.03 13.24
N VAL C 46 4.57 -20.35 13.33
CA VAL C 46 5.76 -21.09 12.77
C VAL C 46 5.32 -22.28 11.92
N GLY C 47 4.04 -22.38 11.54
CA GLY C 47 3.52 -23.51 10.73
C GLY C 47 2.16 -23.19 10.13
N PRO C 48 1.44 -24.14 9.49
CA PRO C 48 1.85 -25.55 9.46
C PRO C 48 2.99 -25.91 8.52
N ASP C 49 3.37 -25.03 7.59
CA ASP C 49 4.46 -25.34 6.62
C ASP C 49 5.83 -25.18 7.30
N VAL C 50 6.76 -26.06 6.97
CA VAL C 50 8.11 -26.17 7.57
C VAL C 50 8.93 -24.94 7.19
N LYS C 51 9.57 -24.28 8.16
CA LYS C 51 10.43 -23.10 7.95
C LYS C 51 11.91 -23.40 8.24
N ASP C 52 12.79 -22.59 7.68
CA ASP C 52 14.25 -22.63 7.89
C ASP C 52 14.55 -22.10 9.30
N LEU C 53 15.15 -22.89 10.18
CA LEU C 53 15.54 -22.42 11.54
C LEU C 53 16.48 -21.22 11.48
N ALA C 54 17.31 -21.11 10.43
CA ALA C 54 18.32 -20.05 10.28
C ALA C 54 17.63 -18.68 10.18
N ALA C 55 16.40 -18.63 9.69
CA ALA C 55 15.64 -17.37 9.50
C ALA C 55 14.90 -16.97 10.79
N LEU C 56 15.02 -17.72 11.89
CA LEU C 56 14.30 -17.45 13.16
C LEU C 56 15.29 -17.11 14.29
N ARG C 57 14.96 -16.12 15.11
CA ARG C 57 15.63 -15.89 16.40
C ARG C 57 14.61 -15.53 17.47
N VAL C 58 15.05 -15.66 18.71
CA VAL C 58 14.28 -15.32 19.93
C VAL C 58 14.99 -14.15 20.60
N GLN C 59 14.19 -13.20 21.08
CA GLN C 59 14.63 -12.05 21.88
C GLN C 59 13.90 -12.14 23.22
N LEU C 60 14.62 -12.22 24.34
CA LEU C 60 14.01 -12.27 25.69
C LEU C 60 13.50 -10.90 26.08
N ARG C 61 12.96 -10.76 27.29
CA ARG C 61 12.20 -9.56 27.67
C ARG C 61 12.97 -8.27 27.32
N GLU C 62 12.35 -7.42 26.54
CA GLU C 62 12.80 -6.07 26.13
C GLU C 62 11.69 -5.10 26.50
N GLN C 63 12.01 -3.97 27.10
CA GLN C 63 11.01 -2.89 27.34
C GLN C 63 10.59 -2.29 25.99
N HIS C 64 11.54 -2.08 25.08
CA HIS C 64 11.31 -1.47 23.73
C HIS C 64 11.93 -2.38 22.68
N LEU C 65 11.14 -2.84 21.72
CA LEU C 65 11.66 -3.73 20.63
C LEU C 65 12.80 -3.04 19.91
N TYR C 66 13.84 -3.81 19.57
CA TYR C 66 14.92 -3.45 18.60
C TYR C 66 16.06 -2.64 19.24
N TYR C 67 15.80 -1.95 20.38
N TYR C 67 15.82 -1.98 20.38
CA TYR C 67 16.74 -0.99 21.02
CA TYR C 67 16.76 -0.97 20.93
C TYR C 67 18.00 -1.71 21.52
C TYR C 67 17.97 -1.67 21.56
N GLN C 68 17.81 -2.81 22.26
CA GLN C 68 18.94 -3.51 22.92
C GLN C 68 18.91 -4.98 22.55
N ASP C 69 18.79 -5.33 21.26
CA ASP C 69 18.56 -6.76 20.90
C ASP C 69 19.78 -7.58 21.32
N GLN C 70 19.54 -8.77 21.90
CA GLN C 70 20.54 -9.88 21.96
C GLN C 70 19.84 -11.15 21.45
N LEU C 71 19.99 -11.41 20.17
CA LEU C 71 19.15 -12.41 19.46
C LEU C 71 19.70 -13.80 19.76
N LEU C 72 18.80 -14.74 20.07
CA LEU C 72 19.15 -16.14 20.42
C LEU C 72 18.74 -17.07 19.29
N PRO C 73 19.65 -17.94 18.80
CA PRO C 73 19.28 -18.92 17.79
C PRO C 73 18.42 -20.04 18.43
N VAL C 74 17.59 -20.67 17.61
CA VAL C 74 16.66 -21.78 17.98
C VAL C 74 17.23 -23.07 17.38
N SER C 75 17.27 -24.17 18.12
CA SER C 75 17.79 -25.47 17.64
C SER C 75 16.65 -26.30 17.06
N ARG C 76 15.42 -26.20 17.56
CA ARG C 76 14.30 -27.01 17.06
C ARG C 76 12.98 -26.25 17.17
N ILE C 77 12.14 -26.41 16.16
CA ILE C 77 10.69 -25.99 16.18
C ILE C 77 9.86 -27.28 16.31
N ILE C 78 9.05 -27.39 17.35
CA ILE C 78 8.11 -28.53 17.54
C ILE C 78 6.70 -27.99 17.46
N VAL C 79 6.03 -28.25 16.34
CA VAL C 79 4.62 -27.82 16.14
C VAL C 79 3.74 -29.01 16.46
N HIS C 80 2.72 -28.81 17.26
CA HIS C 80 1.75 -29.89 17.58
C HIS C 80 1.32 -30.56 16.26
N PRO C 81 1.47 -31.88 16.12
CA PRO C 81 1.12 -32.56 14.87
C PRO C 81 -0.36 -32.54 14.46
N GLN C 82 -1.28 -32.20 15.35
CA GLN C 82 -2.72 -32.08 15.00
C GLN C 82 -3.00 -30.67 14.46
N PHE C 83 -2.03 -29.75 14.44
CA PHE C 83 -2.28 -28.36 13.97
C PHE C 83 -2.31 -28.27 12.44
N TYR C 84 -3.34 -27.60 11.92
CA TYR C 84 -3.41 -27.16 10.51
C TYR C 84 -3.88 -25.67 10.44
N THR C 85 -4.93 -25.28 11.14
CA THR C 85 -5.37 -23.87 11.28
C THR C 85 -5.78 -23.62 12.73
N ALA C 86 -5.76 -22.37 13.15
CA ALA C 86 -6.11 -21.95 14.53
C ALA C 86 -7.56 -22.27 14.81
N GLN C 87 -8.47 -22.14 13.82
CA GLN C 87 -9.91 -22.38 14.06
C GLN C 87 -10.20 -23.86 14.28
N ILE C 88 -9.41 -24.75 13.71
CA ILE C 88 -9.52 -26.23 13.94
C ILE C 88 -8.95 -26.54 15.33
N GLY C 89 -7.80 -25.97 15.68
CA GLY C 89 -7.21 -26.02 17.04
C GLY C 89 -5.83 -26.63 17.06
N ALA C 90 -5.40 -27.11 18.22
CA ALA C 90 -4.02 -27.55 18.50
C ALA C 90 -3.01 -26.43 18.12
N ASP C 91 -3.37 -25.14 18.36
CA ASP C 91 -2.52 -23.99 17.98
C ASP C 91 -1.45 -23.75 19.07
N ILE C 92 -0.41 -24.56 19.06
CA ILE C 92 0.62 -24.59 20.14
C ILE C 92 1.90 -25.20 19.58
N ALA C 93 3.04 -24.61 19.94
CA ALA C 93 4.39 -25.01 19.49
C ALA C 93 5.42 -24.70 20.57
N LEU C 94 6.56 -25.34 20.42
CA LEU C 94 7.72 -25.22 21.32
C LEU C 94 8.92 -24.86 20.46
N LEU C 95 9.68 -23.88 20.91
CA LEU C 95 11.03 -23.58 20.40
C LEU C 95 12.04 -24.01 21.46
N GLU C 96 12.97 -24.86 21.05
CA GLU C 96 14.14 -25.26 21.87
C GLU C 96 15.28 -24.31 21.54
N LEU C 97 15.76 -23.57 22.54
CA LEU C 97 16.90 -22.64 22.36
C LEU C 97 18.19 -23.48 22.27
N GLU C 98 19.20 -22.94 21.59
CA GLU C 98 20.52 -23.61 21.41
CA GLU C 98 20.55 -23.55 21.40
C GLU C 98 21.25 -23.70 22.75
N GLU C 99 20.94 -22.82 23.69
CA GLU C 99 21.54 -22.77 25.04
C GLU C 99 20.48 -22.43 26.07
N PRO C 100 20.64 -22.93 27.31
CA PRO C 100 19.74 -22.55 28.40
C PRO C 100 20.06 -21.07 28.71
N VAL C 101 19.06 -20.30 29.11
CA VAL C 101 19.33 -18.89 29.50
C VAL C 101 19.67 -18.92 30.99
N LYS C 102 20.55 -18.02 31.43
CA LYS C 102 20.84 -17.77 32.87
C LYS C 102 19.75 -16.87 33.44
N VAL C 103 18.85 -17.39 34.28
CA VAL C 103 17.63 -16.62 34.72
C VAL C 103 18.02 -15.56 35.78
N SER C 104 17.18 -14.55 35.95
CA SER C 104 17.39 -13.40 36.85
C SER C 104 16.03 -12.90 37.29
N SER C 105 15.97 -11.90 38.16
CA SER C 105 14.67 -11.29 38.55
C SER C 105 14.06 -10.55 37.35
N HIS C 106 14.88 -10.08 36.39
CA HIS C 106 14.40 -9.36 35.18
C HIS C 106 13.91 -10.33 34.08
N VAL C 107 14.55 -11.50 33.93
CA VAL C 107 14.30 -12.49 32.86
C VAL C 107 14.21 -13.87 33.51
N HIS C 108 13.01 -14.44 33.61
CA HIS C 108 12.83 -15.82 34.14
C HIS C 108 11.50 -16.43 33.66
N THR C 109 11.29 -17.70 34.00
CA THR C 109 10.26 -18.57 33.39
C THR C 109 8.90 -18.26 34.00
N VAL C 110 7.84 -18.57 33.28
CA VAL C 110 6.45 -18.55 33.81
C VAL C 110 6.15 -19.98 34.28
N THR C 111 5.28 -20.12 35.26
CA THR C 111 4.82 -21.44 35.78
C THR C 111 3.63 -21.93 34.91
N LEU C 112 3.69 -23.19 34.48
CA LEU C 112 2.53 -23.86 33.83
C LEU C 112 1.51 -24.24 34.89
N PRO C 113 0.20 -24.19 34.56
CA PRO C 113 -0.82 -24.57 35.52
C PRO C 113 -0.84 -26.09 35.70
N PRO C 114 -1.38 -26.59 36.84
CA PRO C 114 -1.64 -28.04 36.96
C PRO C 114 -2.81 -28.41 36.04
N ALA C 115 -2.86 -29.67 35.59
CA ALA C 115 -3.91 -30.25 34.70
C ALA C 115 -5.30 -29.98 35.25
N SER C 116 -5.47 -29.95 36.56
CA SER C 116 -6.77 -29.76 37.25
C SER C 116 -7.25 -28.31 37.19
N GLU C 117 -6.39 -27.31 36.93
CA GLU C 117 -6.73 -25.87 37.12
C GLU C 117 -7.78 -25.45 36.08
N THR C 118 -8.93 -24.98 36.54
CA THR C 118 -10.04 -24.45 35.71
C THR C 118 -10.13 -22.98 36.10
N PHE C 119 -9.55 -22.12 35.27
CA PHE C 119 -9.51 -20.65 35.43
C PHE C 119 -10.94 -20.13 35.30
N PRO C 120 -11.65 -19.83 36.41
CA PRO C 120 -13.08 -19.58 36.33
C PRO C 120 -13.42 -18.27 35.65
N PRO C 121 -14.61 -18.19 35.06
CA PRO C 121 -15.07 -16.95 34.43
C PRO C 121 -15.00 -15.76 35.40
N GLY C 122 -14.54 -14.63 34.88
CA GLY C 122 -14.45 -13.37 35.63
C GLY C 122 -13.07 -13.14 36.21
N MET C 123 -12.27 -14.20 36.39
CA MET C 123 -10.92 -14.10 36.99
C MET C 123 -10.07 -13.07 36.23
N PRO C 124 -9.37 -12.15 36.93
CA PRO C 124 -8.52 -11.16 36.26
C PRO C 124 -7.19 -11.80 35.79
N CYS C 125 -7.00 -11.85 34.48
CA CYS C 125 -5.79 -12.34 33.81
C CYS C 125 -5.21 -11.19 32.96
N TRP C 126 -3.96 -11.33 32.49
CA TRP C 126 -3.21 -10.30 31.75
C TRP C 126 -2.68 -10.94 30.47
N VAL C 127 -2.75 -10.18 29.39
CA VAL C 127 -2.09 -10.57 28.12
C VAL C 127 -1.15 -9.43 27.76
N THR C 128 0.00 -9.78 27.19
CA THR C 128 1.13 -8.86 26.97
C THR C 128 1.65 -9.05 25.56
N GLY C 129 2.24 -7.99 24.98
CA GLY C 129 2.92 -8.13 23.69
C GLY C 129 3.15 -6.81 22.99
N TRP C 130 3.76 -6.93 21.81
CA TRP C 130 4.15 -5.77 20.95
C TRP C 130 3.29 -5.73 19.69
N GLY C 131 2.07 -6.27 19.75
CA GLY C 131 1.16 -6.29 18.59
C GLY C 131 0.42 -4.96 18.40
N ASP C 132 -0.42 -4.92 17.37
CA ASP C 132 -1.26 -3.78 16.99
C ASP C 132 -2.08 -3.27 18.18
N VAL C 133 -2.28 -1.96 18.23
CA VAL C 133 -3.03 -1.27 19.33
C VAL C 133 -4.49 -1.12 18.93
N ASP C 134 -4.87 -1.52 17.71
CA ASP C 134 -6.27 -1.65 17.23
C ASP C 134 -6.25 -2.32 15.86
N ASN C 135 -7.42 -2.63 15.29
CA ASN C 135 -7.50 -3.25 13.93
C ASN C 135 -6.69 -2.41 12.94
N ASP C 136 -5.71 -3.03 12.28
CA ASP C 136 -4.80 -2.41 11.28
C ASP C 136 -4.16 -1.11 11.81
N GLU C 137 -3.84 -1.05 13.09
CA GLU C 137 -3.12 0.08 13.71
C GLU C 137 -1.86 -0.49 14.38
N ARG C 138 -0.70 -0.26 13.77
CA ARG C 138 0.64 -0.69 14.28
C ARG C 138 0.93 -0.08 15.67
N LEU C 139 1.62 -0.84 16.51
CA LEU C 139 2.27 -0.30 17.72
C LEU C 139 3.28 0.74 17.20
N PRO C 140 3.20 2.03 17.61
CA PRO C 140 4.19 3.00 17.20
C PRO C 140 5.57 2.82 17.82
N PRO C 141 6.65 3.30 17.16
CA PRO C 141 7.94 3.47 17.83
C PRO C 141 7.69 4.34 19.07
N PRO C 142 8.41 4.13 20.17
CA PRO C 142 9.50 3.15 20.28
C PRO C 142 9.13 1.71 20.71
N PHE C 143 7.92 1.24 20.41
CA PHE C 143 7.51 -0.19 20.51
C PHE C 143 7.63 -0.70 21.95
N PRO C 144 6.93 -0.07 22.92
CA PRO C 144 7.00 -0.50 24.31
C PRO C 144 6.20 -1.81 24.47
N LEU C 145 6.69 -2.73 25.29
CA LEU C 145 5.86 -3.91 25.70
C LEU C 145 4.56 -3.41 26.35
N LYS C 146 3.41 -3.87 25.86
CA LYS C 146 2.08 -3.45 26.41
C LYS C 146 1.44 -4.62 27.20
N GLN C 147 0.49 -4.28 28.06
CA GLN C 147 -0.22 -5.23 28.95
C GLN C 147 -1.67 -4.77 28.98
N VAL C 148 -2.60 -5.70 29.09
CA VAL C 148 -4.02 -5.36 29.36
C VAL C 148 -4.63 -6.46 30.22
N LYS C 149 -5.45 -6.06 31.18
CA LYS C 149 -6.25 -6.98 32.02
C LYS C 149 -7.49 -7.36 31.22
N VAL C 150 -7.74 -8.67 31.06
CA VAL C 150 -8.87 -9.24 30.27
C VAL C 150 -9.54 -10.29 31.16
N PRO C 151 -10.87 -10.21 31.31
CA PRO C 151 -11.60 -11.21 32.07
C PRO C 151 -11.70 -12.52 31.26
N ILE C 152 -11.45 -13.65 31.92
CA ILE C 152 -11.78 -15.02 31.41
C ILE C 152 -13.28 -15.14 31.22
N MET C 153 -13.68 -15.77 30.13
CA MET C 153 -15.09 -16.09 29.84
C MET C 153 -15.20 -17.58 29.56
N GLU C 154 -16.27 -18.17 30.07
CA GLU C 154 -16.62 -19.60 29.87
C GLU C 154 -16.72 -19.87 28.36
N ASN C 155 -16.17 -20.98 27.92
CA ASN C 155 -16.22 -21.42 26.50
C ASN C 155 -17.65 -21.39 25.97
N HIS C 156 -18.64 -21.81 26.74
CA HIS C 156 -20.03 -21.90 26.25
C HIS C 156 -20.54 -20.48 25.91
N ILE C 157 -20.24 -19.49 26.74
CA ILE C 157 -20.64 -18.07 26.51
C ILE C 157 -19.92 -17.50 25.27
N CYS C 158 -18.64 -17.77 25.15
N CYS C 158 -18.63 -17.77 25.14
CA CYS C 158 -17.78 -17.26 24.05
CA CYS C 158 -17.80 -17.23 24.04
C CYS C 158 -18.25 -17.87 22.73
C CYS C 158 -18.23 -17.88 22.72
N ASP C 159 -18.51 -19.19 22.73
CA ASP C 159 -19.06 -19.93 21.56
C ASP C 159 -20.39 -19.30 21.16
N ALA C 160 -21.27 -19.03 22.13
CA ALA C 160 -22.58 -18.38 21.90
C ALA C 160 -22.33 -17.00 21.26
N LYS C 161 -21.37 -16.20 21.75
CA LYS C 161 -21.12 -14.84 21.18
C LYS C 161 -20.70 -14.97 19.71
N TYR C 162 -19.82 -15.91 19.38
CA TYR C 162 -19.33 -16.04 18.00
C TYR C 162 -20.48 -16.38 17.04
N HIS C 163 -21.58 -16.94 17.55
CA HIS C 163 -22.81 -17.30 16.78
C HIS C 163 -23.72 -16.10 16.56
N LEU C 164 -23.62 -15.05 17.39
CA LEU C 164 -24.47 -13.84 17.24
C LEU C 164 -24.01 -13.13 15.97
N GLY C 165 -24.92 -12.79 15.05
CA GLY C 165 -24.58 -12.11 13.79
C GLY C 165 -23.86 -13.05 12.84
N ALA C 166 -24.04 -14.38 13.00
CA ALA C 166 -23.43 -15.40 12.13
C ALA C 166 -24.48 -16.37 11.59
N TYR C 167 -24.20 -16.93 10.42
CA TYR C 167 -25.05 -17.95 9.74
C TYR C 167 -24.79 -19.32 10.38
N THR C 168 -23.66 -19.51 11.07
CA THR C 168 -23.25 -20.83 11.61
C THR C 168 -24.36 -21.30 12.54
N GLY C 169 -24.77 -22.56 12.41
CA GLY C 169 -25.79 -23.15 13.30
C GLY C 169 -25.35 -23.14 14.75
N ASP C 170 -26.27 -22.88 15.67
CA ASP C 170 -26.00 -22.74 17.13
C ASP C 170 -25.39 -24.01 17.73
N ASP C 171 -25.68 -25.18 17.17
CA ASP C 171 -25.20 -26.53 17.58
C ASP C 171 -23.86 -26.86 16.93
N VAL C 172 -23.32 -25.99 16.06
CA VAL C 172 -22.01 -26.18 15.38
C VAL C 172 -20.98 -25.38 16.17
N ARG C 173 -20.04 -26.07 16.78
CA ARG C 173 -19.07 -25.47 17.73
C ARG C 173 -18.08 -24.59 16.95
N ILE C 174 -17.86 -23.35 17.39
CA ILE C 174 -16.81 -22.44 16.83
C ILE C 174 -15.61 -22.42 17.81
N VAL C 175 -15.87 -22.14 19.08
CA VAL C 175 -14.87 -22.15 20.16
C VAL C 175 -14.80 -23.56 20.73
N ARG C 176 -13.69 -24.25 20.52
CA ARG C 176 -13.58 -25.69 20.83
C ARG C 176 -13.00 -25.87 22.23
N ASP C 177 -12.97 -27.11 22.73
CA ASP C 177 -12.65 -27.44 24.15
C ASP C 177 -11.16 -27.25 24.42
N ASP C 178 -10.30 -27.31 23.40
CA ASP C 178 -8.86 -27.00 23.56
C ASP C 178 -8.58 -25.49 23.47
N MET C 179 -9.59 -24.62 23.50
CA MET C 179 -9.46 -23.16 23.41
C MET C 179 -10.04 -22.54 24.69
N LEU C 180 -9.68 -21.29 24.94
CA LEU C 180 -10.06 -20.48 26.11
C LEU C 180 -10.31 -19.07 25.55
N CYS C 181 -11.19 -18.31 26.19
N CYS C 181 -11.15 -18.29 26.20
CA CYS C 181 -11.70 -17.00 25.70
CA CYS C 181 -11.61 -17.00 25.66
C CYS C 181 -11.47 -15.91 26.75
C CYS C 181 -11.52 -15.89 26.73
N ALA C 182 -11.08 -14.70 26.31
CA ALA C 182 -10.95 -13.51 27.17
C ALA C 182 -11.08 -12.24 26.32
N GLY C 183 -11.57 -11.17 26.93
CA GLY C 183 -11.54 -9.81 26.36
C GLY C 183 -12.92 -9.27 26.05
N ASN C 184 -12.99 -7.99 25.72
CA ASN C 184 -14.25 -7.26 25.43
C ASN C 184 -13.91 -6.23 24.35
N THR C 185 -14.81 -5.28 24.10
CA THR C 185 -14.65 -4.28 23.01
C THR C 185 -13.70 -3.17 23.43
N ARG C 186 -13.16 -3.19 24.66
CA ARG C 186 -12.13 -2.22 25.08
C ARG C 186 -10.77 -2.90 25.33
N ARG C 187 -10.69 -4.21 25.56
CA ARG C 187 -9.48 -4.90 26.06
C ARG C 187 -9.30 -6.20 25.26
N ASP C 188 -8.19 -6.36 24.54
CA ASP C 188 -7.96 -7.55 23.69
C ASP C 188 -6.49 -7.61 23.31
N SER C 189 -6.08 -8.77 22.85
CA SER C 189 -4.82 -8.99 22.08
C SER C 189 -5.12 -8.76 20.59
N CYS C 190 -4.11 -8.62 19.76
CA CYS C 190 -4.29 -8.22 18.33
C CYS C 190 -3.13 -8.77 17.52
N GLN C 191 -3.09 -8.47 16.21
CA GLN C 191 -2.08 -9.01 15.28
C GLN C 191 -0.72 -8.59 15.80
N GLY C 192 0.22 -9.55 15.91
CA GLY C 192 1.54 -9.40 16.50
C GLY C 192 1.61 -9.85 17.96
N ASP C 193 0.49 -10.03 18.65
CA ASP C 193 0.47 -10.62 20.02
C ASP C 193 0.41 -12.15 19.99
N SER C 194 0.08 -12.72 18.83
CA SER C 194 0.00 -14.17 18.58
C SER C 194 1.18 -14.86 19.23
N GLY C 195 0.89 -15.98 19.90
CA GLY C 195 1.91 -16.84 20.50
C GLY C 195 2.30 -16.39 21.90
N GLY C 196 1.97 -15.16 22.26
CA GLY C 196 2.24 -14.58 23.58
C GLY C 196 1.36 -15.16 24.68
N PRO C 197 1.70 -14.88 25.95
CA PRO C 197 1.01 -15.49 27.08
C PRO C 197 -0.22 -14.72 27.60
N LEU C 198 -1.23 -15.49 28.01
CA LEU C 198 -2.32 -15.05 28.91
C LEU C 198 -2.00 -15.66 30.28
N VAL C 199 -1.76 -14.82 31.29
CA VAL C 199 -1.25 -15.25 32.62
C VAL C 199 -2.28 -14.85 33.67
N CYS C 200 -2.51 -15.71 34.66
CA CYS C 200 -3.48 -15.45 35.76
C CYS C 200 -2.74 -15.68 37.08
N LYS C 201 -2.97 -14.80 38.04
CA LYS C 201 -2.29 -14.91 39.37
C LYS C 201 -3.21 -15.76 40.25
N VAL C 202 -2.77 -16.94 40.65
CA VAL C 202 -3.54 -17.95 41.43
C VAL C 202 -2.72 -18.36 42.66
N ASN C 203 -3.28 -18.27 43.88
CA ASN C 203 -2.60 -18.61 45.17
C ASN C 203 -1.21 -17.96 45.18
N GLY C 204 -1.15 -16.65 44.85
CA GLY C 204 0.07 -15.80 44.79
C GLY C 204 1.08 -16.17 43.70
N THR C 205 0.77 -17.08 42.76
CA THR C 205 1.69 -17.51 41.68
C THR C 205 1.10 -17.15 40.31
N TRP C 206 1.92 -16.63 39.40
CA TRP C 206 1.54 -16.37 37.99
C TRP C 206 1.53 -17.72 37.24
N LEU C 207 0.38 -18.11 36.68
CA LEU C 207 0.22 -19.32 35.83
C LEU C 207 -0.15 -18.92 34.40
N GLN C 208 0.47 -19.54 33.40
CA GLN C 208 0.05 -19.33 32.00
C GLN C 208 -1.22 -20.14 31.67
N ALA C 209 -2.37 -19.49 31.61
CA ALA C 209 -3.68 -20.08 31.21
C ALA C 209 -3.78 -20.29 29.69
N GLY C 210 -3.23 -19.38 28.86
CA GLY C 210 -3.49 -19.32 27.42
C GLY C 210 -2.29 -18.92 26.55
N VAL C 211 -2.36 -19.30 25.29
CA VAL C 211 -1.48 -18.79 24.22
C VAL C 211 -2.36 -18.00 23.23
N VAL C 212 -2.00 -16.75 22.93
CA VAL C 212 -2.75 -15.90 21.95
C VAL C 212 -2.88 -16.67 20.62
N SER C 213 -4.10 -16.96 20.18
CA SER C 213 -4.37 -17.82 19.00
C SER C 213 -5.07 -17.02 17.88
N TRP C 214 -6.33 -16.63 18.07
CA TRP C 214 -7.12 -16.05 16.95
C TRP C 214 -8.31 -15.28 17.49
N GLY C 215 -9.00 -14.63 16.57
CA GLY C 215 -10.30 -13.99 16.79
C GLY C 215 -10.76 -13.38 15.50
N GLU C 216 -11.98 -12.86 15.47
N GLU C 216 -11.96 -12.83 15.46
CA GLU C 216 -12.50 -12.04 14.35
CA GLU C 216 -12.43 -11.97 14.35
C GLU C 216 -12.14 -10.58 14.65
C GLU C 216 -12.05 -10.52 14.66
N GLY C 217 -11.05 -10.10 14.04
N GLY C 217 -10.98 -10.02 14.05
CA GLY C 217 -10.45 -8.79 14.36
CA GLY C 217 -10.39 -8.73 14.41
C GLY C 217 -10.07 -8.74 15.83
C GLY C 217 -10.06 -8.69 15.89
N CYS C 218 -10.03 -7.52 16.39
N CYS C 218 -9.92 -7.50 16.45
CA CYS C 218 -9.56 -7.24 17.76
CA CYS C 218 -9.59 -7.30 17.88
C CYS C 218 -10.58 -6.33 18.42
C CYS C 218 -10.60 -6.34 18.48
N ALA C 219 -11.06 -6.70 19.60
N ALA C 219 -11.10 -6.68 19.66
CA ALA C 219 -12.00 -5.92 20.43
CA ALA C 219 -12.04 -5.87 20.45
C ALA C 219 -13.28 -5.58 19.66
C ALA C 219 -13.31 -5.57 19.65
N GLN C 220 -13.75 -6.49 18.79
CA GLN C 220 -15.01 -6.37 18.01
C GLN C 220 -16.18 -6.87 18.87
N PRO C 221 -17.39 -6.27 18.72
CA PRO C 221 -18.57 -6.71 19.46
C PRO C 221 -18.85 -8.21 19.28
N ASN C 222 -19.04 -8.93 20.39
CA ASN C 222 -19.36 -10.39 20.43
C ASN C 222 -18.26 -11.23 19.77
N ARG C 223 -17.01 -10.77 19.79
CA ARG C 223 -15.88 -11.54 19.22
C ARG C 223 -14.72 -11.46 20.18
N PRO C 224 -14.82 -12.09 21.37
CA PRO C 224 -13.72 -12.10 22.30
C PRO C 224 -12.50 -12.81 21.71
N GLY C 225 -11.33 -12.46 22.24
CA GLY C 225 -10.07 -13.13 21.90
C GLY C 225 -10.10 -14.60 22.24
N ILE C 226 -9.58 -15.43 21.35
CA ILE C 226 -9.45 -16.89 21.57
C ILE C 226 -7.98 -17.24 21.75
N TYR C 227 -7.72 -18.17 22.69
CA TYR C 227 -6.38 -18.59 23.15
C TYR C 227 -6.33 -20.12 23.14
N THR C 228 -5.17 -20.72 22.89
CA THR C 228 -4.96 -22.16 23.12
C THR C 228 -4.99 -22.37 24.63
N ARG C 229 -5.83 -23.28 25.12
CA ARG C 229 -5.97 -23.63 26.56
C ARG C 229 -4.76 -24.47 27.00
N VAL C 230 -3.87 -23.90 27.82
CA VAL C 230 -2.57 -24.57 28.10
C VAL C 230 -2.85 -25.89 28.85
N THR C 231 -3.79 -25.93 29.77
CA THR C 231 -4.08 -27.16 30.56
C THR C 231 -4.38 -28.30 29.61
N TYR C 232 -5.02 -28.04 28.46
CA TYR C 232 -5.39 -29.06 27.47
C TYR C 232 -4.14 -29.76 26.94
N TYR C 233 -3.02 -29.06 26.76
CA TYR C 233 -1.81 -29.60 26.08
C TYR C 233 -0.66 -29.84 27.07
N LEU C 234 -0.92 -29.94 28.38
CA LEU C 234 0.17 -30.19 29.40
C LEU C 234 0.92 -31.47 29.09
N ASP C 235 0.23 -32.56 28.75
CA ASP C 235 0.91 -33.87 28.50
C ASP C 235 1.85 -33.74 27.31
N TRP C 236 1.41 -33.05 26.25
CA TRP C 236 2.26 -32.80 25.04
C TRP C 236 3.45 -31.89 25.42
N ILE C 237 3.22 -30.80 26.12
CA ILE C 237 4.33 -29.89 26.54
C ILE C 237 5.35 -30.72 27.36
N HIS C 238 4.88 -31.44 28.37
CA HIS C 238 5.73 -32.22 29.34
C HIS C 238 6.40 -33.40 28.66
N HIS C 239 5.97 -33.81 27.47
CA HIS C 239 6.68 -34.82 26.65
C HIS C 239 8.06 -34.32 26.22
N TYR C 240 8.24 -32.99 26.10
CA TYR C 240 9.51 -32.38 25.62
C TYR C 240 10.20 -31.56 26.72
N VAL C 241 9.45 -30.97 27.64
CA VAL C 241 9.95 -29.93 28.58
C VAL C 241 9.99 -30.55 29.97
N PRO C 242 11.20 -30.73 30.56
CA PRO C 242 11.33 -31.20 31.95
C PRO C 242 10.45 -30.48 32.98
N LYS C 243 9.91 -31.23 33.94
CA LYS C 243 9.02 -30.75 35.03
C LYS C 243 9.86 -30.42 36.27
N ILE D 1 20.25 8.11 4.59
CA ILE D 1 21.67 8.16 4.13
C ILE D 1 21.99 6.87 3.34
N VAL D 2 22.53 7.01 2.13
CA VAL D 2 22.99 5.88 1.28
C VAL D 2 24.50 5.72 1.47
N GLY D 3 24.97 4.49 1.69
CA GLY D 3 26.39 4.23 2.03
C GLY D 3 26.70 4.68 3.45
N GLY D 4 27.97 4.77 3.81
CA GLY D 4 28.37 5.30 5.14
C GLY D 4 28.01 4.35 6.27
N GLN D 5 27.75 4.85 7.48
CA GLN D 5 27.63 4.01 8.69
C GLN D 5 26.90 4.78 9.79
N GLU D 6 26.60 4.07 10.88
CA GLU D 6 26.02 4.67 12.08
C GLU D 6 27.05 5.67 12.60
N ALA D 7 26.60 6.85 13.01
CA ALA D 7 27.46 7.93 13.53
C ALA D 7 27.88 7.58 14.95
N PRO D 8 29.15 7.78 15.34
CA PRO D 8 29.53 7.74 16.75
C PRO D 8 28.71 8.77 17.54
N ARG D 9 28.42 8.48 18.81
CA ARG D 9 27.64 9.33 19.76
C ARG D 9 28.24 10.73 19.88
N SER D 10 29.57 10.87 19.77
CA SER D 10 30.32 12.14 19.95
C SER D 10 30.27 13.03 18.70
N LYS D 11 29.74 12.55 17.56
CA LYS D 11 29.77 13.33 16.29
C LYS D 11 28.40 13.97 16.03
N TRP D 12 28.40 15.14 15.38
CA TRP D 12 27.22 15.86 14.84
C TRP D 12 26.28 16.28 15.98
N PRO D 13 26.77 17.06 16.95
CA PRO D 13 25.93 17.49 18.09
C PRO D 13 24.81 18.48 17.71
N TRP D 14 24.88 18.97 16.49
CA TRP D 14 23.90 19.93 15.92
C TRP D 14 22.75 19.24 15.17
N GLN D 15 22.83 17.94 14.90
CA GLN D 15 21.77 17.23 14.13
C GLN D 15 20.47 17.32 14.93
N VAL D 16 19.38 17.66 14.24
CA VAL D 16 18.01 17.78 14.77
C VAL D 16 17.06 16.90 13.90
N SER D 17 15.97 16.43 14.51
CA SER D 17 14.87 15.68 13.86
C SER D 17 13.60 16.52 13.94
N LEU D 18 12.89 16.70 12.82
CA LEU D 18 11.60 17.41 12.81
CA LEU D 18 11.60 17.42 12.79
C LEU D 18 10.49 16.37 12.87
N ARG D 19 9.50 16.62 13.72
CA ARG D 19 8.42 15.66 14.01
C ARG D 19 7.06 16.27 13.70
N VAL D 20 6.19 15.47 13.09
CA VAL D 20 4.79 15.83 12.74
C VAL D 20 3.85 15.03 13.63
N HIS D 21 2.80 15.66 14.10
CA HIS D 21 1.77 15.02 14.98
C HIS D 21 0.99 13.99 14.15
N GLY D 22 0.82 12.77 14.67
CA GLY D 22 -0.02 11.72 14.06
C GLY D 22 -0.27 10.67 15.11
N PRO D 23 -0.40 9.37 14.74
CA PRO D 23 -0.45 8.29 15.73
C PRO D 23 0.75 8.36 16.68
N TYR D 24 1.89 8.85 16.17
CA TYR D 24 3.07 9.21 16.98
C TYR D 24 3.76 10.43 16.34
N TRP D 25 4.75 10.96 17.04
CA TRP D 25 5.52 12.14 16.59
C TRP D 25 6.56 11.64 15.59
N MET D 26 6.19 11.61 14.33
N MET D 26 6.16 11.56 14.32
CA MET D 26 6.95 10.92 13.26
CA MET D 26 6.96 10.90 13.25
C MET D 26 8.01 11.88 12.67
C MET D 26 8.01 11.87 12.68
N HIS D 27 9.24 11.40 12.51
CA HIS D 27 10.33 12.08 11.77
C HIS D 27 9.93 12.25 10.29
N PHE D 28 10.01 13.46 9.75
CA PHE D 28 9.78 13.74 8.31
C PHE D 28 10.98 14.48 7.70
N CYS D 29 11.80 15.18 8.46
CA CYS D 29 12.97 15.92 7.94
C CYS D 29 14.01 16.11 9.04
N GLY D 30 15.23 16.37 8.60
CA GLY D 30 16.32 16.86 9.45
C GLY D 30 16.38 18.37 9.53
N GLY D 31 17.33 18.81 10.32
CA GLY D 31 17.65 20.21 10.63
C GLY D 31 18.99 20.29 11.32
N SER D 32 19.44 21.50 11.63
CA SER D 32 20.68 21.76 12.39
C SER D 32 20.42 22.90 13.38
N LEU D 33 20.98 22.75 14.57
CA LEU D 33 20.95 23.83 15.59
C LEU D 33 22.05 24.84 15.25
N ILE D 34 21.65 26.05 14.86
CA ILE D 34 22.64 27.11 14.48
C ILE D 34 22.73 28.18 15.58
N HIS D 35 21.85 28.11 16.57
CA HIS D 35 21.74 29.06 17.69
C HIS D 35 20.91 28.35 18.75
N PRO D 36 21.11 28.58 20.06
CA PRO D 36 20.29 27.93 21.08
C PRO D 36 18.76 28.03 20.90
N GLN D 37 18.27 29.04 20.16
N GLN D 37 18.25 29.02 20.16
CA GLN D 37 16.83 29.29 19.92
CA GLN D 37 16.79 29.14 19.94
C GLN D 37 16.43 28.98 18.46
C GLN D 37 16.43 29.03 18.44
N TRP D 38 17.35 28.57 17.59
CA TRP D 38 17.09 28.50 16.12
C TRP D 38 17.59 27.23 15.46
N VAL D 39 16.72 26.67 14.62
CA VAL D 39 17.02 25.48 13.80
C VAL D 39 16.96 25.88 12.31
N LEU D 40 17.98 25.47 11.57
CA LEU D 40 18.08 25.64 10.09
C LEU D 40 17.58 24.34 9.44
N THR D 41 16.69 24.47 8.44
CA THR D 41 16.13 23.35 7.66
C THR D 41 15.88 23.76 6.21
N ALA D 42 15.28 22.86 5.42
CA ALA D 42 14.82 23.11 4.04
C ALA D 42 13.40 23.68 4.12
N ALA D 43 13.11 24.69 3.32
CA ALA D 43 11.76 25.25 3.14
C ALA D 43 10.76 24.16 2.69
N HIS D 44 11.17 23.19 1.86
CA HIS D 44 10.22 22.19 1.30
C HIS D 44 9.77 21.25 2.44
N CYS D 45 10.48 21.20 3.55
CA CYS D 45 10.05 20.41 4.74
C CYS D 45 8.85 21.08 5.42
N VAL D 46 8.72 22.40 5.33
CA VAL D 46 7.72 23.16 6.14
C VAL D 46 6.85 24.08 5.28
N GLY D 47 7.01 24.07 3.95
CA GLY D 47 6.28 24.98 3.06
C GLY D 47 6.19 24.40 1.66
N PRO D 48 5.69 25.13 0.65
CA PRO D 48 5.38 26.55 0.79
C PRO D 48 4.07 26.90 1.50
N ASP D 49 3.20 25.93 1.74
CA ASP D 49 1.88 26.23 2.38
C ASP D 49 2.04 26.38 3.89
N VAL D 50 1.28 27.27 4.50
CA VAL D 50 1.38 27.58 5.96
C VAL D 50 0.76 26.43 6.73
N LYS D 51 1.44 25.87 7.71
CA LYS D 51 0.89 24.76 8.56
C LYS D 51 0.65 25.23 10.00
N ASP D 52 -0.12 24.44 10.76
CA ASP D 52 -0.35 24.66 12.23
C ASP D 52 0.93 24.33 12.97
N LEU D 53 1.57 25.31 13.60
CA LEU D 53 2.80 25.12 14.42
C LEU D 53 2.61 24.05 15.51
N ALA D 54 1.40 23.87 16.03
CA ALA D 54 1.08 22.91 17.13
C ALA D 54 1.36 21.48 16.66
N ALA D 55 1.28 21.22 15.35
CA ALA D 55 1.54 19.91 14.71
C ALA D 55 3.02 19.63 14.54
N LEU D 56 3.92 20.56 14.89
CA LEU D 56 5.37 20.41 14.69
C LEU D 56 6.09 20.41 16.04
N ARG D 57 7.03 19.50 16.24
CA ARG D 57 8.05 19.61 17.29
C ARG D 57 9.45 19.28 16.76
N VAL D 58 10.43 19.66 17.57
CA VAL D 58 11.88 19.44 17.29
C VAL D 58 12.41 18.45 18.32
N GLN D 59 13.28 17.55 17.89
CA GLN D 59 14.05 16.65 18.77
C GLN D 59 15.52 16.95 18.51
N LEU D 60 16.27 17.26 19.58
CA LEU D 60 17.73 17.48 19.48
C LEU D 60 18.42 16.13 19.32
N ARG D 61 19.75 16.12 19.20
CA ARG D 61 20.48 14.91 18.77
C ARG D 61 20.09 13.70 19.61
N GLU D 62 19.70 12.62 18.92
CA GLU D 62 19.55 11.29 19.55
CA GLU D 62 19.40 11.25 19.43
C GLU D 62 20.25 10.26 18.64
N GLN D 63 20.86 9.27 19.28
CA GLN D 63 21.59 8.20 18.56
C GLN D 63 20.58 7.31 17.82
N HIS D 64 19.43 7.04 18.44
CA HIS D 64 18.33 6.20 17.89
C HIS D 64 17.02 6.97 17.96
N LEU D 65 16.38 7.22 16.81
CA LEU D 65 15.06 7.92 16.76
C LEU D 65 14.05 7.24 17.67
N TYR D 66 13.27 8.04 18.39
CA TYR D 66 12.05 7.64 19.14
C TYR D 66 12.36 7.10 20.54
N TYR D 67 13.56 6.60 20.79
N TYR D 67 13.56 6.56 20.76
CA TYR D 67 13.88 5.82 22.02
CA TYR D 67 13.92 5.87 22.04
C TYR D 67 13.93 6.73 23.26
C TYR D 67 13.74 6.81 23.22
N GLN D 68 14.39 7.98 23.15
CA GLN D 68 14.55 8.90 24.32
C GLN D 68 13.98 10.29 24.02
N ASP D 69 12.83 10.39 23.37
CA ASP D 69 12.33 11.69 22.85
C ASP D 69 12.12 12.68 24.02
N GLN D 70 12.58 13.91 23.87
CA GLN D 70 12.15 15.08 24.65
C GLN D 70 11.87 16.19 23.64
N LEU D 71 10.62 16.27 23.19
CA LEU D 71 10.23 17.05 22.00
C LEU D 71 10.12 18.53 22.42
N LEU D 72 10.57 19.47 21.58
CA LEU D 72 10.50 20.93 21.84
C LEU D 72 9.48 21.60 20.93
N PRO D 73 8.54 22.41 21.46
CA PRO D 73 7.61 23.13 20.59
C PRO D 73 8.32 24.31 19.89
N VAL D 74 7.71 24.77 18.79
CA VAL D 74 8.24 25.84 17.88
C VAL D 74 7.38 27.07 18.05
N SER D 75 7.94 28.27 18.15
CA SER D 75 7.14 29.55 18.20
C SER D 75 6.90 30.14 16.80
N ARG D 76 7.81 29.92 15.87
CA ARG D 76 7.78 30.58 14.54
C ARG D 76 8.38 29.63 13.50
N ILE D 77 7.77 29.60 12.32
CA ILE D 77 8.40 29.01 11.10
C ILE D 77 8.64 30.17 10.15
N ILE D 78 9.88 30.40 9.78
CA ILE D 78 10.25 31.46 8.80
C ILE D 78 10.80 30.78 7.53
N VAL D 79 10.10 30.96 6.44
CA VAL D 79 10.46 30.31 5.15
C VAL D 79 10.92 31.40 4.19
N HIS D 80 12.02 31.17 3.50
CA HIS D 80 12.51 32.14 2.49
C HIS D 80 11.35 32.54 1.60
N PRO D 81 11.03 33.84 1.45
CA PRO D 81 9.89 34.26 0.63
C PRO D 81 10.06 33.97 -0.89
N GLN D 82 11.26 33.69 -1.37
CA GLN D 82 11.49 33.32 -2.79
C GLN D 82 11.24 31.82 -3.02
N PHE D 83 10.96 31.04 -1.96
CA PHE D 83 10.76 29.59 -2.09
C PHE D 83 9.36 29.26 -2.60
N TYR D 84 9.31 28.39 -3.61
CA TYR D 84 8.06 27.70 -4.04
C TYR D 84 8.36 26.22 -4.24
N THR D 85 9.43 25.84 -4.97
CA THR D 85 9.86 24.42 -5.10
C THR D 85 11.38 24.30 -4.98
N ALA D 86 11.88 23.11 -4.63
CA ALA D 86 13.32 22.87 -4.41
C ALA D 86 14.10 23.10 -5.71
N GLN D 87 13.55 22.70 -6.86
CA GLN D 87 14.25 22.80 -8.16
C GLN D 87 14.33 24.26 -8.61
N ILE D 88 13.37 25.11 -8.21
CA ILE D 88 13.47 26.58 -8.49
C ILE D 88 14.54 27.20 -7.57
N GLY D 89 14.57 26.83 -6.29
CA GLY D 89 15.63 27.25 -5.33
C GLY D 89 15.08 27.96 -4.10
N ALA D 90 15.96 28.60 -3.34
CA ALA D 90 15.69 29.25 -2.04
C ALA D 90 15.09 28.20 -1.10
N ASP D 91 15.62 26.99 -1.15
CA ASP D 91 15.13 25.86 -0.32
C ASP D 91 15.75 25.94 1.09
N ILE D 92 15.27 26.88 1.90
CA ILE D 92 15.87 27.22 3.21
C ILE D 92 14.81 27.84 4.09
N ALA D 93 14.82 27.45 5.37
CA ALA D 93 13.85 27.90 6.39
C ALA D 93 14.50 27.85 7.78
N LEU D 94 13.87 28.53 8.72
CA LEU D 94 14.29 28.72 10.11
C LEU D 94 13.12 28.36 11.03
N LEU D 95 13.43 27.58 12.07
CA LEU D 95 12.48 27.29 13.17
C LEU D 95 12.98 28.02 14.41
N GLU D 96 12.15 28.86 14.99
CA GLU D 96 12.41 29.46 16.32
C GLU D 96 11.77 28.57 17.40
N LEU D 97 12.59 28.12 18.33
CA LEU D 97 12.09 27.34 19.50
C LEU D 97 11.43 28.32 20.47
N GLU D 98 10.49 27.84 21.27
CA GLU D 98 9.76 28.63 22.30
C GLU D 98 10.71 29.00 23.44
N GLU D 99 11.79 28.21 23.62
CA GLU D 99 12.80 28.44 24.67
C GLU D 99 14.17 28.14 24.12
N PRO D 100 15.19 28.85 24.61
CA PRO D 100 16.58 28.57 24.25
C PRO D 100 16.93 27.20 24.85
N VAL D 101 17.71 26.41 24.13
CA VAL D 101 18.15 25.10 24.67
C VAL D 101 19.43 25.35 25.49
N LYS D 102 19.76 24.42 26.35
CA LYS D 102 21.00 24.36 27.13
C LYS D 102 22.02 23.59 26.29
N VAL D 103 23.16 24.19 25.99
CA VAL D 103 24.16 23.52 25.11
C VAL D 103 25.19 22.81 25.97
N SER D 104 25.82 21.80 25.39
CA SER D 104 26.77 20.89 26.06
C SER D 104 27.72 20.33 24.99
N SER D 105 28.66 19.48 25.36
CA SER D 105 29.55 18.84 24.34
C SER D 105 28.73 17.86 23.48
N HIS D 106 27.64 17.30 23.98
CA HIS D 106 26.80 16.32 23.26
C HIS D 106 25.77 17.02 22.36
N VAL D 107 25.27 18.20 22.72
CA VAL D 107 24.24 18.96 21.96
C VAL D 107 24.68 20.42 21.90
N HIS D 108 25.09 20.90 20.72
CA HIS D 108 25.51 22.31 20.55
C HIS D 108 25.41 22.70 19.06
N THR D 109 25.64 23.98 18.79
CA THR D 109 25.32 24.63 17.51
C THR D 109 26.42 24.32 16.51
N VAL D 110 26.09 24.42 15.23
CA VAL D 110 27.05 24.30 14.11
C VAL D 110 27.41 25.72 13.70
N THR D 111 28.63 25.91 13.22
CA THR D 111 29.17 27.21 12.74
C THR D 111 28.76 27.38 11.27
N LEU D 112 28.19 28.52 10.95
CA LEU D 112 27.88 28.93 9.56
C LEU D 112 29.16 29.35 8.85
N PRO D 113 29.27 29.09 7.54
CA PRO D 113 30.49 29.45 6.81
C PRO D 113 30.55 30.96 6.60
N PRO D 114 31.76 31.54 6.43
CA PRO D 114 31.87 32.92 5.98
C PRO D 114 31.45 33.02 4.51
N ALA D 115 30.99 34.20 4.10
CA ALA D 115 30.45 34.50 2.74
C ALA D 115 31.41 34.03 1.64
N SER D 116 32.71 34.12 1.85
CA SER D 116 33.74 33.85 0.80
C SER D 116 33.97 32.34 0.58
N GLU D 117 33.54 31.46 1.49
CA GLU D 117 33.92 30.02 1.35
C GLU D 117 33.12 29.39 0.20
N THR D 118 33.78 28.79 -0.80
CA THR D 118 33.14 28.22 -2.02
C THR D 118 32.91 26.70 -1.91
N PHE D 119 33.63 26.03 -1.00
CA PHE D 119 33.64 24.56 -0.81
C PHE D 119 33.98 23.85 -2.11
N PRO D 120 35.24 23.95 -2.59
CA PRO D 120 35.60 23.32 -3.87
C PRO D 120 35.73 21.82 -3.74
N PRO D 121 35.75 21.09 -4.86
CA PRO D 121 36.08 19.66 -4.85
C PRO D 121 37.36 19.33 -4.07
N GLY D 122 37.34 18.19 -3.39
CA GLY D 122 38.43 17.70 -2.54
C GLY D 122 38.24 18.12 -1.09
N MET D 123 37.33 19.04 -0.80
CA MET D 123 36.96 19.36 0.61
C MET D 123 36.38 18.08 1.22
N PRO D 124 36.80 17.66 2.44
CA PRO D 124 36.16 16.55 3.16
C PRO D 124 34.81 17.00 3.74
N CYS D 125 33.69 16.45 3.24
CA CYS D 125 32.31 16.82 3.69
C CYS D 125 31.52 15.57 4.03
N TRP D 126 30.65 15.72 5.02
CA TRP D 126 29.80 14.64 5.57
CA TRP D 126 29.79 14.62 5.55
C TRP D 126 28.34 15.11 5.54
N VAL D 127 27.41 14.22 5.27
CA VAL D 127 25.95 14.49 5.38
C VAL D 127 25.39 13.42 6.33
N THR D 128 24.46 13.82 7.17
CA THR D 128 23.95 12.99 8.29
C THR D 128 22.42 13.01 8.25
N GLY D 129 21.83 11.93 8.74
CA GLY D 129 20.38 11.88 8.97
C GLY D 129 19.87 10.49 9.17
N TRP D 130 18.56 10.42 9.37
CA TRP D 130 17.74 9.21 9.65
C TRP D 130 16.86 8.87 8.44
N GLY D 131 17.29 9.27 7.24
CA GLY D 131 16.52 9.00 6.01
C GLY D 131 16.77 7.60 5.47
N ASP D 132 16.08 7.28 4.39
CA ASP D 132 16.15 5.99 3.64
C ASP D 132 17.62 5.65 3.33
N VAL D 133 17.94 4.36 3.38
CA VAL D 133 19.29 3.80 3.11
C VAL D 133 19.45 3.47 1.63
N ASP D 134 18.39 3.60 0.84
CA ASP D 134 18.42 3.50 -0.65
C ASP D 134 17.06 3.96 -1.18
N ASN D 135 16.89 4.07 -2.50
CA ASN D 135 15.57 4.43 -3.12
C ASN D 135 14.49 3.48 -2.55
N ASP D 136 13.45 4.04 -1.95
N ASP D 136 13.42 4.05 -1.96
CA ASP D 136 12.26 3.30 -1.42
CA ASP D 136 12.24 3.38 -1.35
C ASP D 136 12.69 2.23 -0.41
C ASP D 136 12.67 2.26 -0.39
N GLU D 137 13.78 2.42 0.34
CA GLU D 137 14.27 1.46 1.37
C GLU D 137 14.45 2.22 2.70
N ARG D 138 13.51 2.02 3.63
CA ARG D 138 13.46 2.70 4.95
C ARG D 138 14.71 2.38 5.77
N LEU D 139 15.16 3.34 6.58
CA LEU D 139 16.09 3.04 7.70
C LEU D 139 15.35 2.05 8.60
N PRO D 140 15.90 0.85 8.86
CA PRO D 140 15.29 -0.08 9.79
C PRO D 140 15.36 0.35 11.26
N PRO D 141 14.45 -0.13 12.13
CA PRO D 141 14.64 -0.01 13.57
C PRO D 141 15.97 -0.65 13.93
N PRO D 142 16.73 -0.17 14.95
CA PRO D 142 16.31 0.93 15.84
C PRO D 142 16.60 2.38 15.38
N PHE D 143 16.76 2.62 14.06
CA PHE D 143 16.82 3.99 13.48
C PHE D 143 18.04 4.77 13.98
N PRO D 144 19.26 4.25 13.72
CA PRO D 144 20.47 4.94 14.15
C PRO D 144 20.72 6.14 13.22
N LEU D 145 21.17 7.24 13.80
CA LEU D 145 21.70 8.36 13.01
C LEU D 145 22.85 7.86 12.13
N LYS D 146 22.76 8.05 10.81
CA LYS D 146 23.82 7.67 9.83
C LYS D 146 24.58 8.93 9.37
N GLN D 147 25.78 8.68 8.86
CA GLN D 147 26.71 9.69 8.30
C GLN D 147 27.26 9.09 7.03
N VAL D 148 27.62 9.90 6.03
CA VAL D 148 28.43 9.40 4.90
C VAL D 148 29.26 10.57 4.38
N LYS D 149 30.52 10.29 4.10
CA LYS D 149 31.46 11.22 3.41
C LYS D 149 31.05 11.31 1.94
N VAL D 150 30.78 12.52 1.46
CA VAL D 150 30.33 12.74 0.07
C VAL D 150 31.33 13.66 -0.60
N PRO D 151 31.75 13.31 -1.84
CA PRO D 151 32.64 14.18 -2.60
C PRO D 151 31.83 15.37 -3.14
N ILE D 152 32.31 16.58 -2.92
CA ILE D 152 31.77 17.81 -3.56
C ILE D 152 32.15 17.79 -5.04
N MET D 153 31.24 18.21 -5.91
CA MET D 153 31.54 18.46 -7.35
CA MET D 153 31.57 18.47 -7.34
C MET D 153 31.13 19.89 -7.70
N GLU D 154 31.90 20.55 -8.58
CA GLU D 154 31.63 21.94 -9.05
C GLU D 154 30.22 21.98 -9.68
N ASN D 155 29.53 23.12 -9.51
CA ASN D 155 28.15 23.30 -10.00
C ASN D 155 28.09 23.00 -11.50
N HIS D 156 29.07 23.45 -12.30
CA HIS D 156 28.97 23.34 -13.78
C HIS D 156 29.02 21.85 -14.17
N ILE D 157 29.85 21.07 -13.50
CA ILE D 157 30.02 19.61 -13.74
C ILE D 157 28.70 18.90 -13.43
N CYS D 158 28.11 19.23 -12.28
N CYS D 158 28.08 19.20 -12.28
CA CYS D 158 26.85 18.66 -11.78
CA CYS D 158 26.81 18.55 -11.85
C CYS D 158 25.71 19.02 -12.75
C CYS D 158 25.67 19.01 -12.76
N ASP D 159 25.67 20.28 -13.20
CA ASP D 159 24.66 20.79 -14.16
C ASP D 159 24.78 19.97 -15.44
N ALA D 160 25.99 19.77 -15.94
CA ALA D 160 26.20 18.98 -17.18
C ALA D 160 25.71 17.54 -16.94
N LYS D 161 26.00 16.93 -15.78
CA LYS D 161 25.52 15.54 -15.54
C LYS D 161 23.98 15.48 -15.56
N TYR D 162 23.31 16.46 -14.95
CA TYR D 162 21.83 16.47 -14.88
C TYR D 162 21.24 16.53 -16.31
N HIS D 163 22.01 17.03 -17.29
CA HIS D 163 21.58 17.13 -18.72
C HIS D 163 21.76 15.82 -19.48
N LEU D 164 22.64 14.93 -19.03
CA LEU D 164 22.85 13.62 -19.69
C LEU D 164 21.60 12.76 -19.51
N GLY D 165 21.08 12.17 -20.59
CA GLY D 165 19.84 11.37 -20.57
C GLY D 165 18.61 12.23 -20.32
N ALA D 166 18.69 13.52 -20.64
CA ALA D 166 17.54 14.45 -20.52
C ALA D 166 17.26 15.17 -21.82
N TYR D 167 16.02 15.58 -22.03
CA TYR D 167 15.58 16.40 -23.19
C TYR D 167 15.96 17.88 -22.94
N THR D 168 16.18 18.28 -21.68
CA THR D 168 16.38 19.69 -21.31
C THR D 168 17.58 20.21 -22.11
N GLY D 169 17.43 21.39 -22.74
CA GLY D 169 18.53 22.03 -23.49
C GLY D 169 19.73 22.32 -22.60
N ASP D 170 20.92 22.11 -23.14
CA ASP D 170 22.21 22.21 -22.41
C ASP D 170 22.42 23.59 -21.79
N ASP D 171 21.87 24.65 -22.37
N ASP D 171 21.80 24.60 -22.41
CA ASP D 171 22.03 26.05 -21.87
CA ASP D 171 21.86 26.05 -22.09
C ASP D 171 20.82 26.44 -21.01
C ASP D 171 20.94 26.36 -20.91
N VAL D 172 19.97 25.49 -20.63
CA VAL D 172 18.90 25.74 -19.62
C VAL D 172 19.40 25.16 -18.30
N ARG D 173 19.78 26.01 -17.35
CA ARG D 173 20.52 25.59 -16.15
C ARG D 173 19.56 24.81 -15.23
N ILE D 174 19.97 23.65 -14.78
CA ILE D 174 19.18 22.81 -13.83
C ILE D 174 19.73 23.04 -12.41
N VAL D 175 21.05 22.88 -12.26
CA VAL D 175 21.73 23.11 -10.95
C VAL D 175 22.05 24.60 -10.83
N ARG D 176 21.34 25.31 -9.95
CA ARG D 176 21.37 26.79 -9.90
C ARG D 176 22.48 27.25 -8.95
N ASP D 177 22.75 28.56 -8.96
CA ASP D 177 23.96 29.12 -8.34
C ASP D 177 23.77 29.18 -6.80
N ASP D 178 22.53 29.17 -6.31
CA ASP D 178 22.22 29.06 -4.87
C ASP D 178 22.22 27.58 -4.40
N MET D 179 22.69 26.64 -5.21
CA MET D 179 22.71 25.20 -4.89
C MET D 179 24.15 24.71 -4.93
N LEU D 180 24.35 23.54 -4.36
CA LEU D 180 25.67 22.91 -4.13
C LEU D 180 25.45 21.43 -4.37
N CYS D 181 26.43 20.74 -4.95
N CYS D 181 26.46 20.76 -4.88
CA CYS D 181 26.31 19.33 -5.40
CA CYS D 181 26.33 19.38 -5.37
C CYS D 181 27.33 18.46 -4.67
C CYS D 181 27.33 18.47 -4.66
N ALA D 182 26.87 17.31 -4.18
CA ALA D 182 27.76 16.28 -3.59
C ALA D 182 27.13 14.89 -3.75
N GLY D 183 28.01 13.88 -3.85
CA GLY D 183 27.63 12.48 -3.78
C GLY D 183 27.96 11.78 -5.07
N ASN D 184 27.85 10.46 -5.05
CA ASN D 184 28.06 9.59 -6.23
C ASN D 184 27.07 8.43 -6.10
N THR D 185 27.29 7.34 -6.83
CA THR D 185 26.39 6.17 -6.88
C THR D 185 26.61 5.28 -5.65
N ARG D 186 27.52 5.60 -4.73
CA ARG D 186 27.68 4.81 -3.48
C ARG D 186 27.36 5.63 -2.22
N ARG D 187 27.33 6.94 -2.30
CA ARG D 187 27.28 7.87 -1.13
C ARG D 187 26.32 9.01 -1.45
N ASP D 188 25.21 9.14 -0.72
CA ASP D 188 24.22 10.21 -0.99
C ASP D 188 23.33 10.36 0.24
N SER D 189 22.57 11.44 0.28
CA SER D 189 21.40 11.62 1.16
C SER D 189 20.19 11.12 0.40
N CYS D 190 19.12 10.82 1.12
CA CYS D 190 17.92 10.23 0.53
C CYS D 190 16.69 10.75 1.28
N GLN D 191 15.51 10.25 0.93
CA GLN D 191 14.21 10.73 1.47
C GLN D 191 14.26 10.56 2.99
N GLY D 192 13.91 11.60 3.75
CA GLY D 192 14.02 11.67 5.22
C GLY D 192 15.29 12.38 5.69
N ASP D 193 16.29 12.60 4.80
CA ASP D 193 17.49 13.40 5.15
C ASP D 193 17.27 14.88 4.85
N SER D 194 16.25 15.23 4.08
CA SER D 194 15.85 16.62 3.71
C SER D 194 15.96 17.54 4.91
N GLY D 195 16.55 18.71 4.71
CA GLY D 195 16.65 19.77 5.73
C GLY D 195 17.85 19.59 6.64
N GLY D 196 18.47 18.40 6.64
CA GLY D 196 19.65 18.10 7.45
C GLY D 196 20.90 18.76 6.89
N PRO D 197 22.02 18.66 7.66
CA PRO D 197 23.23 19.37 7.30
C PRO D 197 24.21 18.58 6.43
N LEU D 198 24.81 19.30 5.48
CA LEU D 198 26.10 18.94 4.84
C LEU D 198 27.18 19.80 5.51
N VAL D 199 28.15 19.18 6.18
CA VAL D 199 29.19 19.89 6.98
C VAL D 199 30.57 19.54 6.42
N CYS D 200 31.44 20.54 6.30
CA CYS D 200 32.86 20.34 5.84
C CYS D 200 33.79 20.93 6.90
N LYS D 201 34.85 20.22 7.22
CA LYS D 201 35.86 20.64 8.23
C LYS D 201 36.88 21.53 7.51
N VAL D 202 36.92 22.82 7.85
CA VAL D 202 37.81 23.84 7.22
C VAL D 202 38.66 24.47 8.33
N ASN D 203 39.99 24.35 8.24
CA ASN D 203 40.97 24.92 9.23
C ASN D 203 40.53 24.51 10.65
N GLY D 204 40.23 23.22 10.83
CA GLY D 204 39.83 22.56 12.10
C GLY D 204 38.46 22.96 12.61
N THR D 205 37.63 23.72 11.87
CA THR D 205 36.24 24.03 12.29
C THR D 205 35.26 23.35 11.35
N TRP D 206 34.19 22.79 11.92
CA TRP D 206 33.07 22.23 11.10
C TRP D 206 32.20 23.40 10.65
N LEU D 207 32.04 23.57 9.32
CA LEU D 207 31.15 24.61 8.70
C LEU D 207 29.98 23.93 8.01
N GLN D 208 28.77 24.46 8.19
CA GLN D 208 27.63 23.96 7.37
C GLN D 208 27.67 24.59 5.97
N ALA D 209 28.08 23.81 4.98
CA ALA D 209 28.09 24.17 3.55
C ALA D 209 26.68 24.13 2.92
N GLY D 210 25.85 23.18 3.33
CA GLY D 210 24.63 22.80 2.61
C GLY D 210 23.47 22.42 3.51
N VAL D 211 22.26 22.56 3.00
CA VAL D 211 21.01 21.94 3.52
C VAL D 211 20.56 20.87 2.51
N VAL D 212 20.29 19.64 2.94
CA VAL D 212 19.79 18.53 2.06
C VAL D 212 18.51 19.01 1.38
N SER D 213 18.52 19.08 0.05
CA SER D 213 17.42 19.73 -0.71
C SER D 213 16.73 18.71 -1.61
N TRP D 214 17.39 18.26 -2.68
CA TRP D 214 16.71 17.44 -3.70
C TRP D 214 17.70 16.64 -4.54
N GLY D 215 17.15 15.81 -5.40
CA GLY D 215 17.89 15.10 -6.45
C GLY D 215 16.92 14.28 -7.25
N GLU D 216 17.40 13.61 -8.30
N GLU D 216 17.39 13.64 -8.33
CA GLU D 216 16.61 12.59 -9.03
CA GLU D 216 16.62 12.56 -9.02
C GLU D 216 16.94 11.24 -8.38
C GLU D 216 16.96 11.24 -8.35
N GLY D 217 16.05 10.76 -7.52
CA GLY D 217 16.30 9.59 -6.66
C GLY D 217 17.50 9.84 -5.77
N CYS D 218 18.20 8.77 -5.39
CA CYS D 218 19.36 8.77 -4.47
C CYS D 218 20.43 7.87 -5.06
N ALA D 219 21.68 8.35 -5.13
CA ALA D 219 22.85 7.60 -5.58
C ALA D 219 22.63 7.03 -7.00
N GLN D 220 21.91 7.73 -7.88
CA GLN D 220 21.64 7.32 -9.28
C GLN D 220 22.75 7.82 -10.20
N PRO D 221 23.12 7.06 -11.26
CA PRO D 221 24.10 7.50 -12.25
C PRO D 221 23.77 8.89 -12.83
N ASN D 222 24.78 9.79 -12.83
CA ASN D 222 24.70 11.15 -13.40
C ASN D 222 23.69 12.02 -12.66
N ARG D 223 23.39 11.74 -11.40
CA ARG D 223 22.38 12.51 -10.62
C ARG D 223 22.88 12.69 -9.19
N PRO D 224 23.97 13.47 -9.00
CA PRO D 224 24.42 13.74 -7.64
C PRO D 224 23.38 14.47 -6.79
N GLY D 225 23.53 14.38 -5.47
CA GLY D 225 22.64 15.07 -4.52
C GLY D 225 22.80 16.59 -4.65
N ILE D 226 21.70 17.30 -4.54
CA ILE D 226 21.67 18.78 -4.57
C ILE D 226 21.32 19.31 -3.17
N TYR D 227 22.01 20.37 -2.77
CA TYR D 227 21.92 21.01 -1.44
C TYR D 227 21.64 22.48 -1.64
N THR D 228 20.92 23.12 -0.72
CA THR D 228 20.88 24.59 -0.66
C THR D 228 22.27 25.06 -0.22
N ARG D 229 22.87 26.00 -0.95
CA ARG D 229 24.22 26.58 -0.64
C ARG D 229 24.06 27.63 0.47
N VAL D 230 24.55 27.33 1.67
CA VAL D 230 24.29 28.18 2.86
C VAL D 230 24.88 29.58 2.64
N THR D 231 26.07 29.69 2.05
CA THR D 231 26.72 31.02 1.86
C THR D 231 25.78 31.96 1.13
N TYR D 232 24.95 31.46 0.23
CA TYR D 232 24.04 32.30 -0.59
C TYR D 232 23.02 33.04 0.28
N TYR D 233 22.62 32.47 1.42
CA TYR D 233 21.46 32.95 2.23
C TYR D 233 21.90 33.52 3.61
N LEU D 234 23.20 33.80 3.81
CA LEU D 234 23.73 34.32 5.10
C LEU D 234 23.02 35.60 5.52
N ASP D 235 22.84 36.55 4.61
CA ASP D 235 22.21 37.86 4.96
C ASP D 235 20.77 37.63 5.41
N TRP D 236 20.03 36.75 4.74
CA TRP D 236 18.66 36.36 5.13
C TRP D 236 18.68 35.68 6.53
N ILE D 237 19.55 34.71 6.75
CA ILE D 237 19.66 34.04 8.09
C ILE D 237 19.92 35.13 9.15
N HIS D 238 20.90 36.01 8.92
CA HIS D 238 21.35 37.06 9.90
C HIS D 238 20.26 38.12 10.12
N HIS D 239 19.26 38.23 9.27
CA HIS D 239 18.06 39.05 9.60
C HIS D 239 17.34 38.53 10.85
N TYR D 240 17.37 37.22 11.12
CA TYR D 240 16.53 36.58 12.17
C TYR D 240 17.37 36.06 13.32
N VAL D 241 18.58 35.57 13.06
CA VAL D 241 19.37 34.78 14.02
C VAL D 241 20.54 35.66 14.47
N PRO D 242 20.65 35.99 15.78
CA PRO D 242 21.81 36.73 16.30
C PRO D 242 23.16 36.11 15.93
N LYS D 243 24.19 36.93 15.68
CA LYS D 243 25.62 36.51 15.65
C LYS D 243 26.27 37.02 16.94
C1 A1I52 E . -8.33 -20.83 -4.97
C2 A1I52 E . -8.47 -19.72 -3.99
C3 A1I52 E . -9.79 -19.01 -4.17
C4 A1I52 E . -9.98 -17.84 -3.24
C5 A1I52 E . -9.06 -17.95 -0.97
C6 A1I52 E . -9.11 -18.61 0.36
C7 A1I52 E . -7.98 -19.15 0.97
C8 A1I52 E . -8.06 -19.71 2.24
C11 A1I52 E . -10.34 -18.69 1.02
C12 A1I52 E . -11.24 -16.94 -3.49
C15 A1I52 E . -11.96 -14.01 0.42
C16 A1I52 E . -12.94 -12.87 0.29
C17 A1I52 E . -12.48 -11.56 0.05
C18 A1I52 E . -13.35 -10.50 -0.03
C19 A1I52 E . -14.70 -10.70 0.22
C21 A1I52 E . -17.42 -8.36 0.82
C23 A1I52 E . -19.49 -7.15 1.51
C24 A1I52 E . -20.86 -7.03 1.68
C27 A1I52 E . -19.76 -9.43 0.80
N A1I52 E . -6.85 -22.51 -5.97
C A1I52 E . -6.97 -21.51 -4.89
O A1I52 E . -8.29 -17.00 -1.17
CL A1I52 E . -23.37 -7.93 1.66
CL1 A1I52 E . -22.14 -10.69 0.77
N1 A1I52 E . -9.92 -18.39 -1.89
O1 A1I52 E . -11.07 -16.46 -4.79
N2 A1I52 E . -10.37 -14.75 -2.76
O2 A1I52 E . -10.62 -13.94 -1.60
N3 A1I52 E . -11.89 -15.73 -1.41
O3 A1I52 E . -15.49 -9.56 0.18
C9 A1I52 E . -9.29 -19.76 2.86
C10 A1I52 E . -10.45 -19.24 2.29
C13 A1I52 E . -11.14 -15.79 -2.56
C14 A1I52 E . -11.54 -14.60 -0.89
C20 A1I52 E . -16.80 -9.66 0.75
C22 A1I52 E . -18.92 -8.34 1.04
C25 A1I52 E . -21.67 -8.11 1.43
C26 A1I52 E . -21.12 -9.31 1.00
C28 A1I52 E . -15.18 -11.99 0.51
C29 A1I52 E . -14.29 -13.05 0.55
F A1I52 E . -9.39 -20.35 4.07
S SO4 F . 0.17 -29.33 -18.37
O1 SO4 F . 0.14 -30.51 -19.18
O2 SO4 F . -1.04 -29.29 -17.59
O3 SO4 F . 1.29 -29.40 -17.48
O4 SO4 F . 0.27 -28.16 -19.22
S SO4 G . -35.32 -31.92 5.24
O1 SO4 G . -36.25 -33.01 4.98
O2 SO4 G . -36.00 -30.88 5.95
O3 SO4 G . -34.24 -32.45 6.04
O4 SO4 G . -34.80 -31.37 4.00
S SO4 H . -19.41 -27.00 -25.43
O1 SO4 H . -20.59 -27.83 -25.39
O2 SO4 H . -19.47 -26.00 -24.38
O3 SO4 H . -18.24 -27.81 -25.28
O4 SO4 H . -19.36 -26.30 -26.70
S SO4 I . -18.74 -7.48 -23.30
O1 SO4 I . -17.56 -7.50 -24.13
O2 SO4 I . -19.75 -8.34 -23.87
O3 SO4 I . -18.46 -7.90 -21.93
O4 SO4 I . -19.27 -6.14 -23.28
C1 PEG J . -19.01 -28.90 11.34
O1 PEG J . -19.79 -29.89 11.99
C2 PEG J . -18.17 -29.47 10.24
O2 PEG J . -18.91 -29.51 9.01
C3 PEG J . -18.15 -29.89 7.87
C4 PEG J . -17.87 -31.37 7.90
O4 PEG J . -18.03 -32.03 6.67
C1 EDO K . -15.00 -26.54 -23.82
O1 EDO K . -14.56 -27.83 -24.16
C2 EDO K . -13.90 -25.61 -23.56
O2 EDO K . -12.82 -25.76 -24.45
C1 EDO L . -1.05 -42.00 6.49
O1 EDO L . 0.16 -42.60 6.10
C2 EDO L . -1.87 -41.53 5.34
O2 EDO L . -3.25 -41.51 5.64
C1 EDO M . -13.24 -39.31 -2.00
O1 EDO M . -14.48 -38.71 -2.30
C2 EDO M . -12.78 -39.09 -0.61
O2 EDO M . -13.51 -39.78 0.37
C ACT N . -7.30 -24.58 -21.60
O ACT N . -7.71 -23.43 -21.82
OXT ACT N . -6.82 -24.96 -20.48
CH3 ACT N . -7.34 -25.55 -22.77
C1 A1I52 O . -4.05 18.71 -12.57
C2 A1I52 O . -2.88 17.85 -12.30
C3 A1I52 O . -2.52 17.03 -13.50
C4 A1I52 O . -1.49 15.96 -13.16
C5 A1I52 O . 0.41 16.34 -11.64
C6 A1I52 O . 1.62 17.17 -11.38
C7 A1I52 O . 1.83 17.86 -10.19
C8 A1I52 O . 3.00 18.56 -9.97
C11 A1I52 O . 2.60 17.25 -12.39
C12 A1I52 O . -1.20 14.89 -14.29
C15 A1I52 O . 2.98 12.49 -13.22
C16 A1I52 O . 3.36 11.29 -14.06
C17 A1I52 O . 3.35 10.01 -13.53
C18 A1I52 O . 3.71 8.91 -14.29
C19 A1I52 O . 4.13 9.09 -15.60
C21 A1I52 O . 6.01 6.77 -17.66
C23 A1I52 O . 7.16 5.25 -19.26
C24 A1I52 O . 7.69 4.93 -20.50
C27 A1I52 O . 6.59 7.44 -20.04
N A1I52 O . -5.56 20.39 -11.65
C A1I52 O . -4.55 19.40 -11.33
O A1I52 O . 0.11 15.40 -10.91
CL A1I52 O . 8.35 5.45 -23.05
CL1 A1I52 O . 7.15 8.32 -22.53
N1 A1I52 O . -0.29 16.66 -12.74
O1 A1I52 O . -2.43 14.26 -14.44
N2 A1I52 O . -0.61 12.74 -13.16
O2 A1I52 O . 0.62 12.10 -12.87
N3 A1I52 O . 1.10 13.96 -13.96
O3 A1I52 O . 4.54 7.95 -16.27
C9 A1I52 O . 3.94 18.61 -10.99
C10 A1I52 O . 3.76 17.97 -12.20
C13 A1I52 O . -0.25 13.83 -13.78
C14 A1I52 O . 1.56 12.90 -13.40
C20 A1I52 O . 5.42 8.13 -17.40
C22 A1I52 O . 6.60 6.50 -19.02
C25 A1I52 O . 7.67 5.86 -21.52
C26 A1I52 O . 7.13 7.13 -21.29
C28 A1I52 O . 4.18 10.37 -16.14
C29 A1I52 O . 3.78 11.45 -15.38
F A1I52 O . 5.07 19.34 -10.81
S SO4 P . -20.51 24.91 -9.59
O1 SO4 P . -20.20 23.55 -9.90
O2 SO4 P . -20.94 25.59 -10.79
O3 SO4 P . -21.57 24.92 -8.61
O4 SO4 P . -19.35 25.57 -9.06
S SO4 Q . -20.37 20.69 -30.41
O1 SO4 Q . -19.80 19.78 -29.45
O2 SO4 Q . -21.67 20.20 -30.80
O3 SO4 Q . -20.53 21.97 -29.77
O4 SO4 Q . -19.50 20.80 -31.57
C ACT R . -14.90 21.42 -34.42
O ACT R . -14.89 22.64 -34.03
OXT ACT R . -13.93 20.85 -34.95
CH3 ACT R . -16.19 20.59 -34.25
C1 GOL S . -15.70 2.43 -27.98
O1 GOL S . -15.40 3.83 -27.93
C2 GOL S . -15.66 1.77 -26.61
O2 GOL S . -14.37 1.96 -26.04
C3 GOL S . -16.68 2.29 -25.63
O3 GOL S . -17.69 1.37 -25.25
C1 EDO T . -20.66 19.20 -24.18
O1 EDO T . -21.58 19.61 -23.20
C2 EDO T . -20.17 20.33 -24.99
O2 EDO T . -20.73 21.59 -24.65
S SO4 U . 14.67 19.78 -34.73
O1 SO4 U . 13.90 18.94 -35.62
O2 SO4 U . 14.06 19.83 -33.43
O3 SO4 U . 15.99 19.25 -34.57
O4 SO4 U . 14.74 21.11 -35.29
C1 EDO V . -5.53 27.96 0.74
O1 EDO V . -5.90 29.17 1.35
C2 EDO V . -4.77 27.06 1.61
O2 EDO V . -4.82 27.42 2.97
C1 EDO W . 5.10 34.07 -26.71
O1 EDO W . 6.23 33.56 -27.39
C2 EDO W . 4.67 35.39 -27.24
O2 EDO W . 3.72 36.05 -26.42
C1 A1I52 X . -5.73 -12.08 18.54
C2 A1I52 X . -5.19 -12.28 17.17
C3 A1I52 X . -3.79 -12.76 17.25
C4 A1I52 X . -3.13 -12.88 15.87
C5 A1I52 X . -4.30 -13.83 13.93
C6 A1I52 X . -4.98 -15.03 13.35
C7 A1I52 X . -6.30 -14.99 12.87
C8 A1I52 X . -6.87 -16.12 12.31
C11 A1I52 X . -4.26 -16.21 13.27
C12 A1I52 X . -1.56 -13.07 15.88
C15 A1I52 X . -0.27 -14.60 11.39
C16 A1I52 X . 1.20 -14.65 11.02
C17 A1I52 X . 1.73 -13.77 10.08
C18 A1I52 X . 3.08 -13.81 9.74
C19 A1I52 X . 3.90 -14.78 10.31
C21 A1I52 X . 6.91 -16.06 8.99
C23 A1I52 X . 9.26 -16.72 8.42
C24 A1I52 X . 10.42 -17.44 8.65
C27 A1I52 X . 8.25 -17.73 10.35
N A1I52 X . -7.62 -11.37 19.82
C A1I52 X . -7.16 -11.67 18.49
O A1I52 X . -4.13 -12.81 13.26
CL A1I52 X . 11.97 -19.16 10.01
CL1 A1I52 X . 9.46 -19.56 11.91
N1 A1I52 X . -3.83 -13.95 15.18
O1 A1I52 X . -1.08 -11.90 16.50
N2 A1I52 X . -0.78 -11.94 13.78
O2 A1I52 X . -0.43 -12.45 12.50
N3 A1I52 X . -0.94 -14.19 13.77
O3 A1I52 X . 5.20 -14.72 9.85
C9 A1I52 X . -6.12 -17.28 12.24
C10 A1I52 X . -4.83 -17.35 12.71
C13 A1I52 X . -1.06 -13.02 14.46
C14 A1I52 X . -0.55 -13.79 12.60
C20 A1I52 X . 6.07 -15.82 10.18
C22 A1I52 X . 8.16 -16.85 9.27
C25 A1I52 X . 10.51 -18.29 9.74
C26 A1I52 X . 9.41 -18.45 10.58
C28 A1I52 X . 3.37 -15.68 11.23
C29 A1I52 X . 2.04 -15.61 11.60
F A1I52 X . -6.68 -18.38 11.70
S SO4 Y . -13.52 -2.01 30.75
O1 SO4 Y . -12.22 -2.59 30.56
O2 SO4 Y . -14.40 -2.43 29.69
O3 SO4 Y . -14.04 -2.47 32.01
O4 SO4 Y . -13.44 -0.58 30.75
S SO4 Z . 4.18 -9.64 40.82
O1 SO4 Z . 4.90 -10.07 39.66
O2 SO4 Z . 3.92 -10.79 41.63
O3 SO4 Z . 4.97 -8.71 41.57
O4 SO4 Z . 2.94 -8.98 40.43
S SO4 AA . -18.30 -6.12 25.39
O1 SO4 AA . -17.42 -6.98 24.65
O2 SO4 AA . -19.47 -5.82 24.58
O3 SO4 AA . -18.70 -6.80 26.60
O4 SO4 AA . -17.62 -4.89 25.75
S SO4 BA . 19.97 -11.61 39.71
O1 SO4 BA . 20.92 -12.69 39.81
O2 SO4 BA . 18.64 -12.15 39.66
O3 SO4 BA . 20.08 -10.74 40.86
O4 SO4 BA . 20.23 -10.87 38.52
C1 EDO CA . 0.30 -4.81 36.23
O1 EDO CA . 1.07 -3.87 36.96
C2 EDO CA . 0.17 -6.17 36.83
O2 EDO CA . -0.80 -6.26 37.84
C ACT DA . -19.95 -26.91 27.00
O ACT DA . -19.36 -25.88 27.33
OXT ACT DA . -21.11 -26.90 26.58
CH3 ACT DA . -19.18 -28.25 27.06
S SO4 EA . 15.32 -2.48 26.90
O1 SO4 EA . 14.44 -2.03 25.83
O2 SO4 EA . 15.86 -1.32 27.56
O3 SO4 EA . 14.65 -3.31 27.90
O4 SO4 EA . 16.39 -3.27 26.32
C1 EDO FA . 13.29 -5.84 37.03
O1 EDO FA . 14.61 -6.08 36.62
C2 EDO FA . 12.84 -6.89 37.98
O2 EDO FA . 13.28 -6.71 39.30
C1 EDO GA . -21.61 -8.34 15.30
O1 EDO GA . -20.83 -9.52 15.17
C2 EDO GA . -22.91 -8.60 15.94
O2 EDO GA . -22.94 -9.76 16.76
C1 EDO HA . -12.78 -16.31 10.01
O1 EDO HA . -12.08 -17.04 10.99
C2 EDO HA . -14.08 -15.82 10.53
O2 EDO HA . -14.56 -14.61 9.95
C1 EDO IA . 12.99 -35.90 22.16
O1 EDO IA . 13.86 -36.06 21.05
C2 EDO IA . 11.56 -36.08 21.85
O2 EDO IA . 11.29 -36.36 20.50
C1 A1I52 JA . 18.08 13.86 -1.35
C2 A1I52 JA . 16.59 14.04 -1.34
C3 A1I52 JA . 16.12 14.62 -0.02
C4 A1I52 JA . 14.61 14.53 0.15
C5 A1I52 JA . 13.15 14.97 -1.77
C6 A1I52 JA . 12.75 15.97 -2.82
C7 A1I52 JA . 12.82 15.59 -4.17
C8 A1I52 JA . 12.43 16.47 -5.17
C11 A1I52 JA . 12.38 17.27 -2.48
C12 A1I52 JA . 14.06 14.91 1.56
C15 A1I52 JA . 9.23 15.81 1.21
C16 A1I52 JA . 8.41 15.95 2.49
C17 A1I52 JA . 7.75 14.86 3.05
C18 A1I52 JA . 6.98 15.00 4.20
C19 A1I52 JA . 6.78 16.27 4.75
C21 A1I52 JA . 4.60 17.45 7.45
C23 A1I52 JA . 3.11 18.67 9.06
C23 A1I52 JA . 5.27 19.45 8.83
C24 A1I52 JA . 2.81 19.73 9.89
C24 A1I52 JA . 4.96 20.53 9.65
C27 A1I52 JA . 5.12 19.76 8.36
C27 A1I52 JA . 2.94 18.94 8.61
N A1I52 JA . 20.09 13.17 -2.59
C A1I52 JA . 18.60 13.27 -2.65
O A1I52 JA . 12.65 13.85 -1.73
CL A1I52 JA . 3.26 22.16 10.97
CL1 A1I52 JA . 5.81 22.23 9.22
CL1 A1I52 JA . 0.96 20.35 9.78
N1 A1I52 JA . 14.07 15.38 -0.90
O1 A1I52 JA . 14.65 13.96 2.42
N2 A1I52 JA . 12.00 13.50 1.60
O2 A1I52 JA . 10.61 13.84 1.50
N3 A1I52 JA . 11.73 15.73 1.37
O3 A1I52 JA . 5.98 16.38 5.88
C9 A1I52 JA . 12.00 17.74 -4.78
C10 A1I52 JA . 11.95 18.15 -3.45
C13 A1I52 JA . 12.58 14.67 1.52
C14 A1I52 JA . 10.56 15.17 1.39
C20 A1I52 JA . 5.10 17.56 6.04
C22 A1I52 JA . 4.27 18.66 8.29
C25 A1I52 JA . 3.64 20.81 9.95
C26 A1I52 JA . 4.79 20.84 9.18
C26 A1I52 JA . 2.63 20.02 9.43
C28 A1I52 JA . 7.42 17.37 4.19
C29 A1I52 JA . 8.19 17.21 3.04
F A1I52 JA . 11.66 18.63 -5.76
S SO4 KA . 33.88 5.59 -3.13
O1 SO4 KA . 34.28 5.40 -4.50
O2 SO4 KA . 33.03 6.74 -3.07
O3 SO4 KA . 33.21 4.41 -2.63
O4 SO4 KA . 35.06 5.82 -2.32
S SO4 LA . 17.58 44.13 5.83
O1 SO4 LA . 17.49 43.91 4.40
O2 SO4 LA . 16.27 44.32 6.39
O3 SO4 LA . 18.17 42.97 6.46
O4 SO4 LA . 18.38 45.33 6.04
C1 EDO MA . 32.83 7.65 5.25
O1 EDO MA . 31.59 7.68 4.57
C2 EDO MA . 32.68 7.02 6.56
O2 EDO MA . 31.39 7.25 7.07
S SO4 NA . 35.45 15.65 15.13
O1 SO4 NA . 34.72 15.09 14.02
O2 SO4 NA . 34.64 16.65 15.81
O3 SO4 NA . 35.74 14.59 16.06
O4 SO4 NA . 36.67 16.25 14.67
S SO4 OA . 19.88 6.56 22.48
O1 SO4 OA . 20.55 5.34 22.08
O2 SO4 OA . 19.40 7.32 21.34
O3 SO4 OA . 18.77 6.20 23.33
O4 SO4 OA . 20.80 7.38 23.23
C1 EDO PA . 33.55 11.07 11.00
O1 EDO PA . 34.34 10.02 11.49
C2 EDO PA . 34.05 12.45 11.25
O2 EDO PA . 35.40 12.70 10.89
C1 PEG QA . 15.77 31.79 -5.88
O1 PEG QA . 16.92 32.02 -6.69
C2 PEG QA . 14.51 31.68 -6.68
O2 PEG QA . 13.99 32.98 -6.94
C3 PEG QA . 12.65 33.00 -7.40
C4 PEG QA . 12.36 34.30 -8.11
O4 PEG QA . 12.89 35.43 -7.42
C1 EDO RA . 26.19 24.80 -21.79
O1 EDO RA . 26.59 25.22 -20.52
C2 EDO RA . 26.99 23.65 -22.26
O2 EDO RA . 27.10 23.57 -23.69
C1 EDO SA . 30.65 7.82 -9.99
O1 EDO SA . 29.42 7.39 -9.48
C2 EDO SA . 31.73 6.89 -9.55
O2 EDO SA . 32.99 7.49 -9.31
#